data_4MW0
#
_entry.id   4MW0
#
_cell.length_a   88.665
_cell.length_b   105.884
_cell.length_c   206.480
_cell.angle_alpha   90.000
_cell.angle_beta   90.000
_cell.angle_gamma   90.000
#
_symmetry.space_group_name_H-M   'P 21 21 21'
#
loop_
_entity.id
_entity.type
_entity.pdbx_description
1 polymer 'Methionyl-tRNA synthetase'
2 non-polymer GLYCEROL
3 non-polymer 'DIMETHYL SULFOXIDE'
4 non-polymer METHIONINE
5 non-polymer 1-{3-[(3,5-dichlorobenzyl)amino]propyl}-3-(2-hydroxyphenyl)urea
6 water water
#
_entity_poly.entity_id   1
_entity_poly.type   'polypeptide(L)'
_entity_poly.pdbx_seq_one_letter_code
;GPGSMKVEKVFFVTSPIYYVNAAPHIGHVYSTLITDVIGRYHRVKGERVFALTGTDEHGQKVAEAAKQKQVSPYDFTTAV
AGEFKKCFEQMDYSIDYFIRTTNEQHKAVVKELWTKLEQKGDIYLGRYEGWYSISDESFLTPQNITDGVDKDGNPCKVSL
ESGHVVTWVSEENYMFRLSAFRERLLEWYHANPGCIVPEFRRREVIRAVEKGLPDLSVSRARATLHNWAIPVPGNPDH
(CAS)VYVWLDALTNYLTGSRLRVDESGKEVSLVDDFNELERFPADVHVIGKDILKFHAIYWPAFLLSAGLPLPKKIVAH
GWWTKDRKKISKSLGNVFDPVEKAEEFGYDALKYFLLRESGFSDDGDYSDKNMIARLNGELADTLGNLVMRCTSAKINVN
GEWPSPAAYTEEDESLIQLIKDLPGTADHYYLIPDIQKAIIAVFDVLRAINAYVTDMAPWKLVKTDPERLRTVLYITLEG
VRVTTLLLSPILPRKSVVIFDMLGVPEVHRKGIENFEFGAVPPGTRLGPAVEGEVLFSKRSTENTKST
;
_entity_poly.pdbx_strand_id   A,B
#
loop_
_chem_comp.id
_chem_comp.type
_chem_comp.name
_chem_comp.formula
392 non-polymer 1-{3-[(3,5-dichlorobenzyl)amino]propyl}-3-(2-hydroxyphenyl)urea 'C17 H19 Cl2 N3 O2'
DMS non-polymer 'DIMETHYL SULFOXIDE' 'C2 H6 O S'
GOL non-polymer GLYCEROL 'C3 H8 O3'
#
# COMPACT_ATOMS: atom_id res chain seq x y z
N VAL A 7 15.98 -27.75 -4.12
CA VAL A 7 16.06 -28.76 -3.00
C VAL A 7 14.67 -28.98 -2.39
N GLU A 8 13.97 -30.01 -2.89
CA GLU A 8 12.66 -30.37 -2.36
C GLU A 8 12.86 -31.21 -1.10
N LYS A 9 12.09 -30.88 -0.09
CA LYS A 9 12.41 -31.19 1.27
C LYS A 9 11.13 -30.98 2.06
N VAL A 10 11.03 -31.56 3.25
CA VAL A 10 9.91 -31.22 4.12
C VAL A 10 10.25 -29.89 4.77
N PHE A 11 9.36 -28.90 4.66
CA PHE A 11 9.60 -27.62 5.31
C PHE A 11 9.49 -27.82 6.81
N PHE A 12 10.57 -27.55 7.53
CA PHE A 12 10.67 -27.89 8.95
C PHE A 12 10.69 -26.61 9.78
N VAL A 13 9.65 -26.42 10.59
CA VAL A 13 9.53 -25.23 11.41
C VAL A 13 9.34 -25.63 12.87
N THR A 14 10.06 -24.96 13.77
CA THR A 14 10.06 -25.29 15.20
C THR A 14 9.74 -24.11 16.11
N SER A 15 9.19 -24.42 17.27
CA SER A 15 9.09 -23.47 18.38
C SER A 15 10.14 -23.90 19.41
N PRO A 16 10.43 -23.05 20.40
CA PRO A 16 11.20 -23.54 21.53
C PRO A 16 10.46 -24.68 22.22
N ILE A 17 11.19 -25.49 22.98
CA ILE A 17 10.57 -26.40 23.91
C ILE A 17 10.63 -25.74 25.28
N TYR A 18 9.49 -25.68 25.96
CA TYR A 18 9.31 -24.81 27.12
C TYR A 18 9.61 -25.50 28.42
N TYR A 19 10.25 -24.78 29.35
CA TYR A 19 10.46 -25.31 30.70
C TYR A 19 9.12 -25.62 31.33
N VAL A 20 9.05 -26.70 32.09
CA VAL A 20 7.80 -27.10 32.73
C VAL A 20 7.80 -26.83 34.24
N ASN A 21 8.46 -25.74 34.65
CA ASN A 21 8.46 -25.28 36.04
C ASN A 21 7.12 -24.69 36.46
N ALA A 22 6.32 -24.27 35.48
CA ALA A 22 5.04 -23.64 35.76
C ALA A 22 4.10 -23.79 34.59
N ALA A 23 2.85 -23.41 34.80
CA ALA A 23 1.80 -23.54 33.81
C ALA A 23 2.11 -22.74 32.54
N PRO A 24 1.52 -23.16 31.41
CA PRO A 24 1.76 -22.41 30.17
C PRO A 24 1.10 -21.03 30.23
N HIS A 25 1.72 -20.05 29.60
CA HIS A 25 1.24 -18.68 29.60
C HIS A 25 1.47 -18.05 28.21
N ILE A 26 1.11 -16.78 28.09
CA ILE A 26 1.09 -16.06 26.81
C ILE A 26 2.36 -16.22 25.95
N GLY A 27 3.53 -16.13 26.56
CA GLY A 27 4.79 -16.28 25.83
C GLY A 27 4.93 -17.59 25.07
N HIS A 28 4.52 -18.68 25.70
CA HIS A 28 4.55 -20.00 25.07
C HIS A 28 3.53 -20.09 23.94
N VAL A 29 2.34 -19.58 24.22
CA VAL A 29 1.24 -19.61 23.25
C VAL A 29 1.62 -18.78 22.01
N TYR A 30 2.25 -17.64 22.23
CA TYR A 30 2.68 -16.74 21.17
C TYR A 30 3.77 -17.37 20.29
N SER A 31 4.80 -17.92 20.92
CA SER A 31 5.88 -18.58 20.16
C SER A 31 5.31 -19.71 19.31
N THR A 32 4.45 -20.52 19.91
CA THR A 32 3.90 -21.66 19.20
C THR A 32 2.94 -21.20 18.11
N LEU A 33 2.23 -20.10 18.35
CA LEU A 33 1.37 -19.52 17.33
C LEU A 33 2.14 -19.14 16.07
N ILE A 34 3.26 -18.46 16.26
CA ILE A 34 4.12 -18.05 15.15
C ILE A 34 4.59 -19.27 14.38
N THR A 35 5.05 -20.28 15.11
CA THR A 35 5.44 -21.54 14.49
C THR A 35 4.28 -22.10 13.67
N ASP A 36 3.09 -22.10 14.27
CA ASP A 36 1.92 -22.66 13.64
C ASP A 36 1.56 -21.95 12.33
N VAL A 37 1.58 -20.62 12.36
CA VAL A 37 1.26 -19.80 11.21
C VAL A 37 2.21 -20.02 10.03
N ILE A 38 3.51 -20.05 10.32
CA ILE A 38 4.50 -20.30 9.29
C ILE A 38 4.22 -21.67 8.68
N GLY A 39 4.01 -22.68 9.52
CA GLY A 39 3.67 -24.00 9.03
C GLY A 39 2.42 -24.00 8.15
N ARG A 40 1.38 -23.34 8.62
CA ARG A 40 0.13 -23.29 7.86
C ARG A 40 0.31 -22.63 6.51
N TYR A 41 1.11 -21.56 6.44
CA TYR A 41 1.30 -20.88 5.16
C TYR A 41 1.97 -21.83 4.16
N HIS A 42 3.01 -22.55 4.58
CA HIS A 42 3.66 -23.47 3.67
C HIS A 42 2.77 -24.64 3.24
N ARG A 43 1.88 -25.10 4.12
CA ARG A 43 0.88 -26.11 3.70
C ARG A 43 -0.08 -25.53 2.66
N VAL A 44 -0.47 -24.27 2.84
CA VAL A 44 -1.34 -23.60 1.88
C VAL A 44 -0.69 -23.51 0.50
N LYS A 45 0.62 -23.32 0.45
CA LYS A 45 1.33 -23.36 -0.81
C LYS A 45 1.45 -24.76 -1.41
N GLY A 46 0.96 -25.78 -0.73
CA GLY A 46 1.04 -27.16 -1.20
C GLY A 46 2.34 -27.88 -0.86
N GLU A 47 3.11 -27.34 0.08
CA GLU A 47 4.39 -27.96 0.46
C GLU A 47 4.20 -28.99 1.57
N ARG A 48 5.14 -29.92 1.67
CA ARG A 48 5.23 -30.80 2.82
C ARG A 48 5.75 -30.01 4.01
N VAL A 49 5.08 -30.13 5.15
CA VAL A 49 5.45 -29.39 6.35
C VAL A 49 5.51 -30.32 7.56
N PHE A 50 6.53 -30.10 8.40
CA PHE A 50 6.58 -30.67 9.74
C PHE A 50 6.81 -29.57 10.75
N ALA A 51 5.80 -29.32 11.60
CA ALA A 51 5.86 -28.28 12.61
C ALA A 51 5.95 -28.92 13.99
N LEU A 52 6.92 -28.44 14.77
CA LEU A 52 7.33 -29.09 16.01
C LEU A 52 7.25 -28.12 17.16
N THR A 53 6.73 -28.60 18.30
CA THR A 53 6.76 -27.86 19.56
C THR A 53 7.00 -28.85 20.69
N GLY A 54 7.08 -28.39 21.93
CA GLY A 54 7.30 -29.33 23.04
C GLY A 54 7.72 -28.76 24.38
N THR A 55 8.22 -29.65 25.24
CA THR A 55 8.60 -29.28 26.61
C THR A 55 10.03 -29.72 26.96
N ASP A 56 10.70 -28.87 27.75
CA ASP A 56 12.08 -29.00 28.16
C ASP A 56 12.00 -29.36 29.65
N GLU A 57 12.26 -30.62 29.96
CA GLU A 57 11.80 -31.23 31.21
C GLU A 57 12.88 -31.60 32.22
N HIS A 58 14.16 -31.54 31.82
CA HIS A 58 15.26 -31.80 32.74
C HIS A 58 15.82 -30.51 33.33
N GLY A 59 16.83 -30.67 34.17
CA GLY A 59 17.58 -29.54 34.72
C GLY A 59 17.24 -29.20 36.15
N GLN A 60 18.12 -28.41 36.77
CA GLN A 60 17.96 -27.95 38.14
C GLN A 60 16.69 -27.10 38.30
N LYS A 61 16.45 -26.21 37.35
CA LYS A 61 15.27 -25.34 37.40
C LYS A 61 14.01 -26.17 37.60
N VAL A 62 13.75 -27.09 36.66
CA VAL A 62 12.57 -27.95 36.71
C VAL A 62 12.57 -28.84 37.95
N ALA A 63 13.73 -29.41 38.28
CA ALA A 63 13.84 -30.29 39.45
C ALA A 63 13.47 -29.58 40.77
N GLU A 64 13.91 -28.33 40.92
CA GLU A 64 13.61 -27.57 42.13
C GLU A 64 12.17 -27.06 42.14
N ALA A 65 11.58 -26.84 40.97
CA ALA A 65 10.16 -26.48 40.92
C ALA A 65 9.30 -27.65 41.41
N ALA A 66 9.73 -28.88 41.12
CA ALA A 66 9.02 -30.08 41.55
C ALA A 66 9.14 -30.27 43.04
N LYS A 67 10.35 -30.04 43.56
CA LYS A 67 10.60 -30.18 44.99
C LYS A 67 9.80 -29.15 45.80
N GLN A 68 9.66 -27.95 45.27
CA GLN A 68 8.88 -26.89 45.93
C GLN A 68 7.39 -27.22 45.99
N LYS A 69 6.87 -27.90 44.96
CA LYS A 69 5.50 -28.45 45.00
C LYS A 69 5.44 -29.79 45.74
N GLN A 70 6.58 -30.29 46.19
CA GLN A 70 6.67 -31.55 46.92
C GLN A 70 6.07 -32.73 46.17
N VAL A 71 6.45 -32.90 44.92
CA VAL A 71 6.14 -34.12 44.17
C VAL A 71 7.35 -34.62 43.40
N SER A 72 7.26 -35.88 43.01
CA SER A 72 8.22 -36.52 42.12
C SER A 72 8.42 -35.71 40.82
N PRO A 73 9.67 -35.57 40.37
CA PRO A 73 9.91 -34.90 39.09
C PRO A 73 9.20 -35.56 37.92
N TYR A 74 9.09 -36.89 37.95
CA TYR A 74 8.36 -37.62 36.90
C TYR A 74 6.88 -37.25 36.90
N ASP A 75 6.25 -37.23 38.07
CA ASP A 75 4.83 -36.87 38.15
C ASP A 75 4.65 -35.38 37.85
N PHE A 76 5.58 -34.56 38.34
CA PHE A 76 5.51 -33.12 38.11
C PHE A 76 5.61 -32.79 36.62
N THR A 77 6.63 -33.30 35.95
CA THR A 77 6.84 -32.98 34.54
C THR A 77 5.70 -33.54 33.69
N THR A 78 5.25 -34.75 34.00
CA THR A 78 4.11 -35.35 33.30
C THR A 78 2.87 -34.45 33.42
N ALA A 79 2.57 -33.99 34.63
CA ALA A 79 1.40 -33.16 34.86
C ALA A 79 1.51 -31.81 34.13
N VAL A 80 2.66 -31.16 34.22
CA VAL A 80 2.80 -29.85 33.59
C VAL A 80 2.86 -29.99 32.06
N ALA A 81 3.51 -31.03 31.56
CA ALA A 81 3.52 -31.30 30.13
C ALA A 81 2.08 -31.48 29.60
N GLY A 82 1.26 -32.18 30.37
CA GLY A 82 -0.16 -32.32 30.06
C GLY A 82 -0.91 -31.01 29.99
N GLU A 83 -0.52 -30.05 30.84
CA GLU A 83 -1.13 -28.73 30.82
C GLU A 83 -0.77 -27.98 29.54
N PHE A 84 0.48 -28.11 29.10
CA PHE A 84 0.92 -27.53 27.84
C PHE A 84 0.17 -28.16 26.66
N LYS A 85 0.05 -29.48 26.66
CA LYS A 85 -0.66 -30.17 25.57
C LYS A 85 -2.11 -29.72 25.49
N LYS A 86 -2.76 -29.64 26.64
CA LYS A 86 -4.17 -29.24 26.70
C LYS A 86 -4.35 -27.80 26.20
N CYS A 87 -3.45 -26.92 26.61
CA CYS A 87 -3.52 -25.52 26.23
C CYS A 87 -3.36 -25.38 24.71
N PHE A 88 -2.37 -26.08 24.14
CA PHE A 88 -2.14 -26.03 22.71
C PHE A 88 -3.28 -26.66 21.93
N GLU A 89 -3.87 -27.74 22.46
CA GLU A 89 -5.06 -28.33 21.85
C GLU A 89 -6.19 -27.29 21.82
N GLN A 90 -6.40 -26.65 22.95
CA GLN A 90 -7.45 -25.64 23.06
C GLN A 90 -7.19 -24.47 22.10
N MET A 91 -5.94 -24.13 21.88
CA MET A 91 -5.59 -23.00 21.01
C MET A 91 -5.81 -23.29 19.53
N ASP A 92 -6.00 -24.57 19.19
CA ASP A 92 -6.42 -24.95 17.84
C ASP A 92 -5.28 -24.68 16.84
N TYR A 93 -4.09 -25.12 17.21
CA TYR A 93 -2.95 -25.14 16.32
C TYR A 93 -2.99 -26.36 15.42
N SER A 94 -2.12 -26.37 14.42
CA SER A 94 -1.94 -27.54 13.56
C SER A 94 -0.47 -27.93 13.63
N ILE A 95 -0.02 -28.27 14.83
CA ILE A 95 1.36 -28.70 15.06
C ILE A 95 1.44 -30.21 14.84
N ASP A 96 2.48 -30.67 14.15
CA ASP A 96 2.58 -32.09 13.78
C ASP A 96 3.09 -33.01 14.89
N TYR A 97 3.88 -32.49 15.82
CA TYR A 97 4.36 -33.31 16.92
C TYR A 97 4.71 -32.48 18.14
N PHE A 98 4.45 -33.06 19.31
CA PHE A 98 4.75 -32.43 20.58
C PHE A 98 5.80 -33.29 21.27
N ILE A 99 7.04 -32.77 21.35
CA ILE A 99 8.16 -33.54 21.87
C ILE A 99 8.44 -33.22 23.35
N ARG A 100 8.81 -34.25 24.10
CA ARG A 100 9.17 -34.12 25.51
C ARG A 100 10.60 -34.62 25.71
N THR A 101 11.45 -33.85 26.39
CA THR A 101 12.86 -34.28 26.54
C THR A 101 13.07 -35.51 27.46
N THR A 102 12.03 -35.92 28.18
CA THR A 102 12.07 -37.20 28.93
C THR A 102 11.84 -38.40 28.02
N ASN A 103 11.51 -38.16 26.77
CA ASN A 103 11.36 -39.24 25.80
C ASN A 103 12.66 -40.03 25.65
N GLU A 104 12.51 -41.35 25.67
CA GLU A 104 13.64 -42.27 25.66
C GLU A 104 14.41 -42.21 24.34
N GLN A 105 13.74 -41.96 23.23
CA GLN A 105 14.40 -41.81 21.93
C GLN A 105 15.18 -40.47 21.82
N HIS A 106 14.65 -39.42 22.43
CA HIS A 106 15.40 -38.16 22.54
C HIS A 106 16.72 -38.38 23.29
N LYS A 107 16.65 -39.10 24.40
CA LYS A 107 17.84 -39.39 25.18
C LYS A 107 18.90 -40.08 24.34
N ALA A 108 18.49 -41.04 23.51
CA ALA A 108 19.43 -41.74 22.61
C ALA A 108 20.10 -40.78 21.62
N VAL A 109 19.32 -39.86 21.07
CA VAL A 109 19.88 -38.88 20.12
C VAL A 109 20.87 -37.93 20.82
N VAL A 110 20.56 -37.52 22.05
CA VAL A 110 21.47 -36.69 22.83
C VAL A 110 22.81 -37.40 23.07
N LYS A 111 22.75 -38.66 23.49
CA LYS A 111 23.97 -39.44 23.74
C LYS A 111 24.81 -39.59 22.46
N GLU A 112 24.10 -39.84 21.36
CA GLU A 112 24.73 -39.94 20.05
C GLU A 112 25.43 -38.63 19.64
N LEU A 113 24.74 -37.50 19.80
CA LEU A 113 25.33 -36.21 19.47
C LEU A 113 26.54 -35.90 20.36
N TRP A 114 26.38 -36.10 21.67
CA TRP A 114 27.48 -35.93 22.60
C TRP A 114 28.73 -36.68 22.13
N THR A 115 28.53 -37.93 21.72
CA THR A 115 29.63 -38.81 21.35
C THR A 115 30.31 -38.33 20.07
N LYS A 116 29.52 -37.81 19.12
CA LYS A 116 30.10 -37.15 17.94
C LYS A 116 30.95 -35.94 18.33
N LEU A 117 30.46 -35.12 19.23
CA LEU A 117 31.24 -33.94 19.66
C LEU A 117 32.56 -34.38 20.28
N GLU A 118 32.48 -35.41 21.11
CA GLU A 118 33.64 -35.91 21.84
C GLU A 118 34.64 -36.54 20.86
N GLN A 119 34.15 -37.40 19.96
CA GLN A 119 35.01 -38.05 18.96
C GLN A 119 35.68 -37.05 18.01
N LYS A 120 35.03 -35.92 17.79
CA LYS A 120 35.59 -34.85 16.98
C LYS A 120 36.74 -34.15 17.71
N GLY A 121 36.86 -34.35 19.02
CA GLY A 121 37.90 -33.71 19.81
C GLY A 121 37.47 -32.38 20.42
N ASP A 122 36.17 -32.07 20.37
CA ASP A 122 35.69 -30.77 20.85
C ASP A 122 35.11 -30.78 22.27
N ILE A 123 35.30 -31.87 23.01
CA ILE A 123 34.89 -31.89 24.42
C ILE A 123 36.05 -32.36 25.29
N TYR A 124 36.38 -31.59 26.33
CA TYR A 124 37.48 -31.94 27.22
C TYR A 124 37.05 -31.70 28.66
N LEU A 125 37.77 -32.32 29.60
CA LEU A 125 37.45 -32.16 31.00
C LEU A 125 38.15 -30.90 31.49
N GLY A 126 37.36 -29.94 32.00
CA GLY A 126 37.88 -28.68 32.52
C GLY A 126 37.12 -28.24 33.75
N ARG A 127 37.06 -26.91 33.96
CA ARG A 127 36.37 -26.31 35.11
C ARG A 127 35.58 -25.10 34.65
N TYR A 128 34.40 -24.92 35.23
CA TYR A 128 33.72 -23.63 35.18
C TYR A 128 33.73 -23.04 36.58
N GLU A 129 34.21 -21.81 36.67
CA GLU A 129 34.14 -21.03 37.90
C GLU A 129 33.54 -19.68 37.52
N GLY A 130 32.31 -19.43 37.93
CA GLY A 130 31.63 -18.23 37.51
C GLY A 130 30.16 -18.21 37.84
N TRP A 131 29.49 -17.17 37.36
CA TRP A 131 28.09 -16.97 37.64
C TRP A 131 27.23 -17.84 36.75
N TYR A 132 26.10 -18.26 37.32
CA TYR A 132 25.10 -19.06 36.63
C TYR A 132 23.72 -18.62 37.07
N SER A 133 22.79 -18.54 36.12
CA SER A 133 21.41 -18.26 36.41
C SER A 133 20.63 -19.55 36.29
N ILE A 134 20.17 -20.09 37.41
CA ILE A 134 19.45 -21.36 37.40
C ILE A 134 18.14 -21.20 36.61
N SER A 135 17.49 -20.05 36.77
CA SER A 135 16.20 -19.81 36.14
C SER A 135 16.28 -19.72 34.61
N ASP A 136 17.41 -19.26 34.10
CA ASP A 136 17.68 -19.19 32.67
C ASP A 136 18.57 -20.35 32.19
N GLU A 137 19.02 -21.17 33.14
CA GLU A 137 20.03 -22.21 32.91
C GLU A 137 21.18 -21.66 32.06
N SER A 138 21.66 -20.48 32.45
CA SER A 138 22.58 -19.72 31.63
C SER A 138 23.84 -19.32 32.38
N PHE A 139 24.98 -19.52 31.73
CA PHE A 139 26.27 -19.07 32.24
C PHE A 139 26.43 -17.60 31.95
N LEU A 140 26.89 -16.84 32.94
CA LEU A 140 27.02 -15.39 32.79
C LEU A 140 28.40 -14.89 33.23
N THR A 141 28.94 -13.90 32.52
CA THR A 141 30.17 -13.21 32.91
C THR A 141 29.86 -12.13 33.95
N PRO A 142 30.88 -11.64 34.68
CA PRO A 142 30.62 -10.58 35.65
C PRO A 142 30.00 -9.30 35.08
N GLN A 143 30.16 -9.06 33.79
CA GLN A 143 29.58 -7.88 33.14
C GLN A 143 28.08 -8.05 32.94
N ASN A 144 27.58 -9.28 33.06
CA ASN A 144 26.17 -9.55 32.84
C ASN A 144 25.37 -9.81 34.10
N ILE A 145 25.92 -9.43 35.26
CA ILE A 145 25.20 -9.45 36.53
C ILE A 145 25.28 -8.09 37.21
N THR A 146 24.40 -7.88 38.18
CA THR A 146 24.41 -6.66 38.97
C THR A 146 23.81 -6.96 40.32
N ASP A 147 23.72 -5.95 41.16
CA ASP A 147 23.17 -6.12 42.49
C ASP A 147 21.65 -6.10 42.47
N GLY A 148 21.07 -6.87 43.38
CA GLY A 148 19.63 -6.91 43.52
C GLY A 148 19.26 -7.54 44.83
N VAL A 149 18.00 -7.96 44.92
CA VAL A 149 17.44 -8.46 46.15
C VAL A 149 16.88 -9.87 45.93
N ASP A 150 17.12 -10.77 46.88
CA ASP A 150 16.55 -12.12 46.81
C ASP A 150 15.14 -12.13 47.42
N LYS A 151 14.47 -13.28 47.35
CA LYS A 151 13.07 -13.39 47.77
C LYS A 151 12.85 -13.22 49.28
N ASP A 152 13.93 -13.24 50.07
CA ASP A 152 13.88 -12.89 51.50
C ASP A 152 14.17 -11.41 51.76
N GLY A 153 14.38 -10.63 50.69
CA GLY A 153 14.71 -9.21 50.82
C GLY A 153 16.18 -8.91 51.06
N ASN A 154 17.02 -9.93 51.06
CA ASN A 154 18.45 -9.76 51.31
C ASN A 154 19.22 -9.42 50.02
N PRO A 155 20.36 -8.72 50.15
CA PRO A 155 21.17 -8.37 49.00
C PRO A 155 21.80 -9.60 48.34
N CYS A 156 21.72 -9.65 47.01
CA CYS A 156 22.27 -10.77 46.24
C CYS A 156 22.72 -10.24 44.89
N LYS A 157 23.15 -11.14 44.01
CA LYS A 157 23.42 -10.78 42.63
C LYS A 157 22.31 -11.29 41.75
N VAL A 158 22.05 -10.57 40.66
CA VAL A 158 21.02 -10.94 39.70
C VAL A 158 21.52 -10.77 38.28
N SER A 159 20.86 -11.45 37.36
CA SER A 159 21.16 -11.33 35.94
C SER A 159 20.75 -9.96 35.46
N LEU A 160 21.59 -9.29 34.68
CA LEU A 160 21.18 -8.04 34.01
C LEU A 160 20.14 -8.32 32.91
N GLU A 161 20.16 -9.52 32.35
CA GLU A 161 19.25 -9.88 31.26
C GLU A 161 17.85 -10.16 31.78
N SER A 162 17.75 -10.99 32.80
CA SER A 162 16.46 -11.49 33.25
C SER A 162 16.06 -11.00 34.63
N GLY A 163 17.01 -10.50 35.41
CA GLY A 163 16.74 -10.10 36.79
C GLY A 163 16.62 -11.25 37.79
N HIS A 164 16.74 -12.49 37.34
CA HIS A 164 16.69 -13.63 38.27
C HIS A 164 18.01 -13.74 39.06
N VAL A 165 17.95 -14.46 40.16
CA VAL A 165 19.08 -14.56 41.07
C VAL A 165 20.19 -15.40 40.44
N VAL A 166 21.43 -14.97 40.59
CA VAL A 166 22.57 -15.77 40.10
C VAL A 166 23.36 -16.35 41.26
N THR A 167 23.99 -17.48 41.02
CA THR A 167 24.82 -18.14 42.02
C THR A 167 26.16 -18.41 41.40
N TRP A 168 27.18 -18.46 42.26
CA TRP A 168 28.53 -18.71 41.81
C TRP A 168 28.74 -20.23 41.79
N VAL A 169 29.18 -20.73 40.65
CA VAL A 169 29.41 -22.15 40.45
C VAL A 169 30.91 -22.41 40.31
N SER A 170 31.39 -23.45 40.97
CA SER A 170 32.79 -23.83 40.84
C SER A 170 32.84 -25.35 40.78
N GLU A 171 33.02 -25.89 39.58
CA GLU A 171 32.82 -27.32 39.32
C GLU A 171 33.71 -27.80 38.21
N GLU A 172 34.25 -29.00 38.38
CA GLU A 172 34.88 -29.72 37.29
C GLU A 172 33.78 -30.17 36.31
N ASN A 173 33.83 -29.66 35.08
CA ASN A 173 32.79 -29.91 34.07
C ASN A 173 33.45 -30.30 32.75
N TYR A 174 32.72 -31.09 31.95
CA TYR A 174 33.09 -31.25 30.55
C TYR A 174 32.83 -29.93 29.82
N MET A 175 33.80 -29.51 29.01
CA MET A 175 33.74 -28.26 28.31
C MET A 175 33.76 -28.51 26.80
N PHE A 176 32.93 -27.75 26.10
CA PHE A 176 32.89 -27.78 24.64
C PHE A 176 33.73 -26.61 24.14
N ARG A 177 34.56 -26.87 23.14
CA ARG A 177 35.51 -25.88 22.61
C ARG A 177 34.87 -24.77 21.77
N LEU A 178 33.90 -24.06 22.34
CA LEU A 178 33.20 -22.99 21.63
C LEU A 178 34.14 -21.92 21.07
N SER A 179 35.21 -21.65 21.80
CA SER A 179 36.22 -20.67 21.40
C SER A 179 36.78 -20.93 20.02
N ALA A 180 36.82 -22.19 19.60
CA ALA A 180 37.41 -22.58 18.31
C ALA A 180 36.46 -22.37 17.10
N PHE A 181 35.20 -22.04 17.36
CA PHE A 181 34.21 -21.89 16.28
C PHE A 181 33.91 -20.44 15.91
N ARG A 182 34.57 -19.49 16.56
CA ARG A 182 34.37 -18.07 16.31
C ARG A 182 34.36 -17.74 14.82
N GLU A 183 35.43 -18.11 14.14
CA GLU A 183 35.64 -17.75 12.75
C GLU A 183 34.58 -18.37 11.83
N ARG A 184 34.30 -19.65 12.05
CA ARG A 184 33.30 -20.37 11.25
C ARG A 184 31.91 -19.80 11.47
N LEU A 185 31.61 -19.41 12.70
CA LEU A 185 30.34 -18.76 12.99
C LEU A 185 30.22 -17.43 12.26
N LEU A 186 31.24 -16.58 12.36
CA LEU A 186 31.21 -15.29 11.64
C LEU A 186 31.04 -15.49 10.14
N GLU A 187 31.75 -16.47 9.58
CA GLU A 187 31.63 -16.80 8.16
C GLU A 187 30.21 -17.22 7.82
N TRP A 188 29.56 -17.94 8.72
CA TRP A 188 28.19 -18.36 8.51
C TRP A 188 27.20 -17.17 8.51
N TYR A 189 27.34 -16.28 9.49
CA TYR A 189 26.47 -15.08 9.55
C TYR A 189 26.63 -14.22 8.30
N HIS A 190 27.88 -14.04 7.86
CA HIS A 190 28.14 -13.15 6.73
CA HIS A 190 28.20 -13.18 6.72
C HIS A 190 27.75 -13.78 5.39
N ALA A 191 27.83 -15.10 5.27
CA ALA A 191 27.44 -15.77 4.04
C ALA A 191 25.93 -15.88 3.94
N ASN A 192 25.23 -15.81 5.07
CA ASN A 192 23.77 -15.93 5.08
C ASN A 192 23.12 -14.78 5.83
N PRO A 193 23.15 -13.59 5.24
CA PRO A 193 22.74 -12.38 5.97
C PRO A 193 21.23 -12.26 6.24
N GLY A 194 20.46 -13.28 5.85
CA GLY A 194 19.08 -13.39 6.26
C GLY A 194 18.83 -14.46 7.32
N CYS A 195 19.90 -15.08 7.83
CA CYS A 195 19.75 -16.25 8.69
C CYS A 195 19.28 -15.93 10.12
N ILE A 196 19.33 -14.66 10.52
CA ILE A 196 18.76 -14.24 11.80
C ILE A 196 17.87 -13.01 11.56
N VAL A 197 16.67 -13.06 12.09
CA VAL A 197 15.64 -12.04 11.88
C VAL A 197 15.05 -11.67 13.23
N PRO A 198 14.79 -10.37 13.49
CA PRO A 198 15.07 -9.17 12.68
C PRO A 198 16.53 -8.82 12.62
N GLU A 199 16.86 -7.90 11.72
CA GLU A 199 18.23 -7.57 11.41
C GLU A 199 19.00 -7.06 12.63
N PHE A 200 18.39 -6.27 13.49
CA PHE A 200 19.15 -5.74 14.62
C PHE A 200 19.62 -6.87 15.55
N ARG A 201 18.84 -7.95 15.65
CA ARG A 201 19.24 -9.10 16.46
C ARG A 201 20.38 -9.89 15.82
N ARG A 202 20.40 -9.95 14.49
CA ARG A 202 21.54 -10.48 13.79
C ARG A 202 22.81 -9.69 14.08
N ARG A 203 22.70 -8.36 14.04
CA ARG A 203 23.84 -7.50 14.35
C ARG A 203 24.36 -7.73 15.77
N GLU A 204 23.46 -7.86 16.74
CA GLU A 204 23.83 -8.18 18.12
C GLU A 204 24.64 -9.48 18.23
N VAL A 205 24.21 -10.52 17.54
CA VAL A 205 24.91 -11.80 17.58
C VAL A 205 26.32 -11.64 17.02
N ILE A 206 26.42 -11.04 15.85
CA ILE A 206 27.73 -10.83 15.22
C ILE A 206 28.65 -10.04 16.14
N ARG A 207 28.18 -8.94 16.72
CA ARG A 207 28.98 -8.16 17.66
C ARG A 207 29.49 -9.05 18.79
N ALA A 208 28.59 -9.81 19.39
CA ALA A 208 28.97 -10.67 20.52
C ALA A 208 30.05 -11.68 20.12
N VAL A 209 29.90 -12.32 18.97
CA VAL A 209 30.86 -13.33 18.54
C VAL A 209 32.20 -12.70 18.11
N GLU A 210 32.14 -11.51 17.52
CA GLU A 210 33.35 -10.74 17.20
C GLU A 210 34.26 -10.56 18.40
N LYS A 211 33.67 -10.26 19.55
CA LYS A 211 34.42 -10.00 20.79
C LYS A 211 35.23 -11.19 21.28
N GLY A 212 34.82 -12.41 20.90
CA GLY A 212 35.50 -13.62 21.35
C GLY A 212 34.51 -14.48 22.12
N LEU A 213 34.71 -15.79 22.07
CA LEU A 213 33.83 -16.74 22.77
C LEU A 213 34.66 -17.60 23.72
N PRO A 214 34.23 -17.72 24.98
CA PRO A 214 34.91 -18.67 25.86
C PRO A 214 34.37 -20.07 25.61
N ASP A 215 35.08 -21.08 26.10
CA ASP A 215 34.58 -22.44 26.03
C ASP A 215 33.35 -22.55 26.92
N LEU A 216 32.52 -23.56 26.65
CA LEU A 216 31.21 -23.67 27.29
C LEU A 216 31.09 -24.99 28.06
N SER A 217 30.62 -24.89 29.30
CA SER A 217 30.40 -26.07 30.13
C SER A 217 29.19 -26.81 29.60
N VAL A 218 29.40 -28.08 29.25
CA VAL A 218 28.33 -28.90 28.71
C VAL A 218 27.98 -30.09 29.60
N SER A 219 28.53 -30.12 30.81
CA SER A 219 28.07 -31.04 31.84
C SER A 219 28.06 -30.37 33.21
N ARG A 220 27.40 -31.01 34.17
CA ARG A 220 27.40 -30.61 35.56
C ARG A 220 27.54 -31.83 36.44
N ALA A 221 28.05 -31.64 37.66
CA ALA A 221 28.07 -32.70 38.66
C ALA A 221 26.64 -33.14 38.93
N ARG A 222 26.42 -34.44 39.07
CA ARG A 222 25.07 -34.99 39.12
C ARG A 222 24.23 -34.50 40.30
N ALA A 223 24.87 -34.30 41.45
CA ALA A 223 24.17 -33.85 42.65
C ALA A 223 23.54 -32.46 42.46
N THR A 224 24.25 -31.57 41.77
CA THR A 224 23.76 -30.22 41.54
C THR A 224 22.41 -30.23 40.85
N LEU A 225 22.23 -31.18 39.93
CA LEU A 225 21.00 -31.30 39.14
C LEU A 225 19.97 -32.21 39.80
N HIS A 226 20.25 -32.68 41.01
CA HIS A 226 19.38 -33.62 41.72
C HIS A 226 19.07 -34.84 40.84
N ASN A 227 20.09 -35.28 40.10
CA ASN A 227 19.97 -36.43 39.23
C ASN A 227 18.74 -36.42 38.28
N TRP A 228 18.38 -35.23 37.81
CA TRP A 228 17.25 -35.08 36.91
C TRP A 228 17.77 -34.54 35.57
N ALA A 229 18.38 -35.44 34.81
CA ALA A 229 19.10 -35.08 33.61
C ALA A 229 19.65 -36.33 32.92
N ILE A 230 20.27 -36.16 31.76
CA ILE A 230 20.77 -37.27 30.97
C ILE A 230 22.23 -37.52 31.33
N PRO A 231 22.58 -38.74 31.74
CA PRO A 231 23.97 -39.00 32.06
C PRO A 231 24.91 -38.82 30.86
N VAL A 232 26.10 -38.30 31.13
CA VAL A 232 27.17 -38.19 30.14
C VAL A 232 27.64 -39.59 29.77
N PRO A 233 27.62 -39.94 28.46
CA PRO A 233 28.13 -41.26 28.03
C PRO A 233 29.52 -41.51 28.56
N GLY A 234 29.70 -42.64 29.21
CA GLY A 234 30.98 -43.00 29.80
C GLY A 234 31.38 -42.30 31.10
N ASN A 235 30.53 -41.43 31.63
CA ASN A 235 30.81 -40.82 32.94
C ASN A 235 29.55 -40.58 33.78
N PRO A 236 29.19 -41.58 34.61
CA PRO A 236 27.98 -41.52 35.44
C PRO A 236 27.94 -40.42 36.50
N ASP A 237 29.06 -39.76 36.78
CA ASP A 237 29.07 -38.68 37.76
C ASP A 237 28.67 -37.31 37.16
N HIS A 238 28.53 -37.26 35.84
CA HIS A 238 28.16 -36.03 35.14
C HIS A 238 26.84 -36.17 34.42
N CAS A 239 26.12 -35.05 34.32
CA CAS A 239 24.88 -34.97 33.55
CB CAS A 239 23.76 -34.41 34.42
C CAS A 239 25.05 -33.98 32.42
O CAS A 239 25.72 -32.96 32.59
SG CAS A 239 23.51 -35.31 35.94
AS CAS A 239 22.74 -37.20 35.21
CE1 CAS A 239 21.08 -37.68 36.20
CE2 CAS A 239 24.04 -38.64 35.68
N VAL A 240 24.40 -34.23 31.30
CA VAL A 240 24.50 -33.34 30.14
C VAL A 240 23.80 -32.00 30.43
N TYR A 241 24.47 -30.91 30.12
CA TYR A 241 23.90 -29.56 30.21
C TYR A 241 22.47 -29.54 29.63
N VAL A 242 21.52 -29.05 30.41
CA VAL A 242 20.13 -29.03 29.98
C VAL A 242 19.92 -28.37 28.60
N TRP A 243 20.72 -27.34 28.29
CA TRP A 243 20.61 -26.68 26.98
C TRP A 243 21.11 -27.52 25.80
N LEU A 244 22.13 -28.34 26.02
CA LEU A 244 22.60 -29.22 24.93
C LEU A 244 21.55 -30.32 24.69
N ASP A 245 21.07 -30.91 25.78
CA ASP A 245 19.90 -31.78 25.80
C ASP A 245 18.70 -31.11 25.07
N ALA A 246 18.37 -29.88 25.44
CA ALA A 246 17.19 -29.21 24.88
C ALA A 246 17.31 -28.88 23.39
N LEU A 247 18.45 -28.34 22.97
CA LEU A 247 18.62 -27.95 21.58
C LEU A 247 18.51 -29.17 20.68
N THR A 248 18.98 -30.31 21.19
CA THR A 248 18.90 -31.56 20.46
C THR A 248 17.48 -31.98 20.10
N ASN A 249 16.47 -31.45 20.78
CA ASN A 249 15.08 -31.79 20.45
C ASN A 249 14.79 -31.58 18.97
N TYR A 250 15.39 -30.55 18.38
CA TYR A 250 15.18 -30.24 16.96
C TYR A 250 15.65 -31.40 16.07
N LEU A 251 16.76 -32.01 16.43
CA LEU A 251 17.31 -33.15 15.70
C LEU A 251 16.46 -34.42 15.94
N THR A 252 16.17 -34.70 17.21
CA THR A 252 15.29 -35.82 17.56
C THR A 252 13.97 -35.76 16.78
N GLY A 253 13.31 -34.61 16.86
CA GLY A 253 12.03 -34.43 16.16
C GLY A 253 12.13 -34.64 14.66
N SER A 254 13.25 -34.20 14.08
CA SER A 254 13.50 -34.42 12.66
C SER A 254 13.63 -35.92 12.29
N ARG A 255 13.82 -36.78 13.29
CA ARG A 255 14.05 -38.20 13.10
C ARG A 255 12.96 -39.12 13.68
N LEU A 256 11.85 -38.56 14.12
CA LEU A 256 10.75 -39.35 14.66
C LEU A 256 9.64 -39.57 13.64
N ARG A 257 9.31 -40.84 13.40
CA ARG A 257 8.12 -41.21 12.64
C ARG A 257 6.92 -41.20 13.58
N VAL A 258 5.90 -40.45 13.19
CA VAL A 258 4.72 -40.19 14.03
C VAL A 258 3.47 -40.79 13.37
N ASP A 259 2.62 -41.42 14.18
CA ASP A 259 1.37 -42.03 13.71
C ASP A 259 0.20 -41.03 13.72
N GLU A 260 -0.96 -41.47 13.25
CA GLU A 260 -2.13 -40.60 13.09
C GLU A 260 -2.54 -39.89 14.38
N SER A 261 -2.36 -40.55 15.52
CA SER A 261 -2.69 -39.98 16.82
C SER A 261 -1.64 -39.00 17.37
N GLY A 262 -0.58 -38.72 16.61
CA GLY A 262 0.48 -37.81 17.07
C GLY A 262 1.46 -38.46 18.04
N LYS A 263 1.43 -39.79 18.10
CA LYS A 263 2.30 -40.55 18.98
C LYS A 263 3.54 -41.02 18.19
N GLU A 264 4.71 -40.82 18.78
CA GLU A 264 5.97 -41.26 18.19
C GLU A 264 6.02 -42.78 18.18
N VAL A 265 6.28 -43.36 17.02
CA VAL A 265 6.36 -44.82 16.91
C VAL A 265 7.75 -45.33 16.51
N SER A 266 8.68 -44.44 16.17
CA SER A 266 9.98 -44.92 15.68
C SER A 266 11.00 -43.81 15.52
N LEU A 267 12.23 -44.08 15.93
CA LEU A 267 13.35 -43.18 15.71
C LEU A 267 14.18 -43.70 14.55
N VAL A 268 14.29 -42.93 13.47
CA VAL A 268 15.13 -43.35 12.33
C VAL A 268 16.61 -43.07 12.63
N ASP A 269 17.50 -43.79 11.93
CA ASP A 269 18.95 -43.73 12.19
C ASP A 269 19.63 -42.45 11.72
N ASP A 270 19.11 -41.84 10.68
CA ASP A 270 19.77 -40.74 10.01
C ASP A 270 18.70 -39.72 9.58
N PHE A 271 18.96 -38.43 9.81
CA PHE A 271 17.97 -37.38 9.50
C PHE A 271 17.51 -37.35 8.03
N ASN A 272 18.39 -37.68 7.09
CA ASN A 272 18.03 -37.70 5.67
C ASN A 272 16.80 -38.54 5.37
N GLU A 273 16.58 -39.58 6.15
CA GLU A 273 15.45 -40.47 5.91
C GLU A 273 14.09 -39.77 5.93
N LEU A 274 13.92 -38.76 6.78
CA LEU A 274 12.65 -38.02 6.87
C LEU A 274 12.66 -36.64 6.19
N GLU A 275 13.84 -36.20 5.73
CA GLU A 275 13.97 -35.00 4.90
C GLU A 275 13.51 -33.71 5.60
N ARG A 276 13.60 -33.68 6.92
CA ARG A 276 13.21 -32.51 7.70
C ARG A 276 14.42 -31.68 8.11
N PHE A 277 15.45 -32.33 8.67
CA PHE A 277 16.60 -31.59 9.19
C PHE A 277 17.40 -30.99 8.04
N PRO A 278 17.97 -29.78 8.21
CA PRO A 278 17.88 -28.85 9.33
C PRO A 278 16.63 -27.98 9.27
N ALA A 279 16.31 -27.31 10.38
CA ALA A 279 15.13 -26.46 10.40
C ALA A 279 15.24 -25.35 9.36
N ASP A 280 14.13 -25.09 8.69
CA ASP A 280 14.02 -23.97 7.78
C ASP A 280 13.79 -22.69 8.59
N VAL A 281 13.01 -22.82 9.66
CA VAL A 281 12.81 -21.74 10.62
C VAL A 281 12.75 -22.27 12.05
N HIS A 282 13.63 -21.75 12.91
CA HIS A 282 13.50 -21.88 14.38
C HIS A 282 12.86 -20.61 14.90
N VAL A 283 11.67 -20.72 15.49
CA VAL A 283 11.01 -19.59 16.14
C VAL A 283 11.41 -19.58 17.60
N ILE A 284 11.88 -18.41 18.07
CA ILE A 284 12.31 -18.25 19.46
C ILE A 284 12.02 -16.86 19.97
N GLY A 285 12.04 -16.73 21.30
CA GLY A 285 12.03 -15.43 21.95
C GLY A 285 13.44 -14.88 22.03
N LYS A 286 13.54 -13.56 22.11
CA LYS A 286 14.82 -12.86 22.15
C LYS A 286 15.70 -13.31 23.32
N ASP A 287 15.08 -13.78 24.39
CA ASP A 287 15.81 -14.26 25.57
C ASP A 287 16.70 -15.48 25.33
N ILE A 288 16.40 -16.29 24.31
CA ILE A 288 17.19 -17.50 24.08
C ILE A 288 17.96 -17.48 22.76
N LEU A 289 18.31 -16.28 22.32
CA LEU A 289 19.03 -16.09 21.07
C LEU A 289 20.45 -16.67 21.07
N LYS A 290 21.22 -16.46 22.13
CA LYS A 290 22.61 -16.98 22.13
C LYS A 290 22.67 -18.50 22.00
N PHE A 291 21.72 -19.19 22.63
CA PHE A 291 21.67 -20.67 22.57
C PHE A 291 21.45 -21.15 21.13
N HIS A 292 20.59 -20.45 20.41
CA HIS A 292 20.19 -20.85 19.06
C HIS A 292 21.08 -20.34 17.93
N ALA A 293 21.66 -19.15 18.11
CA ALA A 293 22.44 -18.47 17.09
C ALA A 293 23.96 -18.61 17.28
N ILE A 294 24.38 -19.04 18.47
CA ILE A 294 25.80 -19.25 18.76
C ILE A 294 26.11 -20.71 19.13
N TYR A 295 25.51 -21.24 20.20
CA TYR A 295 25.86 -22.59 20.66
C TYR A 295 25.43 -23.68 19.67
N TRP A 296 24.18 -23.63 19.26
CA TRP A 296 23.56 -24.60 18.37
C TRP A 296 24.34 -24.74 17.06
N PRO A 297 24.60 -23.63 16.33
CA PRO A 297 25.35 -23.83 15.10
C PRO A 297 26.75 -24.38 15.36
N ALA A 298 27.37 -24.01 16.48
CA ALA A 298 28.70 -24.53 16.82
C ALA A 298 28.68 -26.04 17.07
N PHE A 299 27.70 -26.51 17.82
CA PHE A 299 27.48 -27.95 18.05
C PHE A 299 27.28 -28.68 16.72
N LEU A 300 26.46 -28.11 15.84
CA LEU A 300 26.19 -28.70 14.53
C LEU A 300 27.45 -28.72 13.66
N LEU A 301 28.22 -27.65 13.65
CA LEU A 301 29.47 -27.63 12.89
C LEU A 301 30.43 -28.68 13.41
N SER A 302 30.52 -28.81 14.73
CA SER A 302 31.40 -29.79 15.34
C SER A 302 30.99 -31.20 14.89
N ALA A 303 29.69 -31.47 14.96
CA ALA A 303 29.18 -32.80 14.66
C ALA A 303 29.07 -33.08 13.15
N GLY A 304 29.34 -32.10 12.30
CA GLY A 304 29.20 -32.28 10.87
C GLY A 304 27.75 -32.29 10.38
N LEU A 305 26.84 -31.64 11.11
CA LEU A 305 25.42 -31.60 10.72
C LEU A 305 25.12 -30.28 10.04
N PRO A 306 24.12 -30.26 9.13
CA PRO A 306 23.81 -29.01 8.43
C PRO A 306 23.17 -27.97 9.37
N LEU A 307 23.33 -26.69 9.04
CA LEU A 307 22.87 -25.61 9.89
C LEU A 307 21.47 -25.13 9.53
N PRO A 308 20.74 -24.57 10.50
CA PRO A 308 19.38 -24.09 10.20
C PRO A 308 19.42 -22.93 9.21
N LYS A 309 18.33 -22.73 8.47
CA LYS A 309 18.28 -21.67 7.46
C LYS A 309 18.00 -20.30 8.05
N LYS A 310 17.04 -20.24 8.98
CA LYS A 310 16.64 -19.00 9.62
C LYS A 310 16.28 -19.19 11.10
N ILE A 311 16.72 -18.24 11.91
CA ILE A 311 16.26 -18.10 13.28
C ILE A 311 15.51 -16.76 13.37
N VAL A 312 14.28 -16.81 13.85
CA VAL A 312 13.48 -15.60 14.02
C VAL A 312 13.18 -15.44 15.51
N ALA A 313 13.61 -14.29 16.06
CA ALA A 313 13.50 -14.01 17.47
C ALA A 313 12.56 -12.83 17.73
N HIS A 314 11.46 -13.10 18.43
CA HIS A 314 10.45 -12.07 18.72
C HIS A 314 10.65 -11.43 20.09
N GLY A 315 9.82 -10.44 20.41
CA GLY A 315 9.88 -9.75 21.71
C GLY A 315 8.98 -10.38 22.76
N TRP A 316 8.85 -9.69 23.90
CA TRP A 316 8.02 -10.14 25.03
C TRP A 316 6.78 -9.25 25.19
N TRP A 317 5.65 -9.87 25.50
CA TRP A 317 4.39 -9.14 25.70
C TRP A 317 4.24 -8.50 27.08
N THR A 318 3.56 -7.36 27.10
CA THR A 318 3.03 -6.73 28.31
C THR A 318 1.50 -6.65 28.20
N LYS A 319 0.84 -6.31 29.31
CA LYS A 319 -0.60 -6.05 29.30
C LYS A 319 -0.88 -4.74 30.03
N ASP A 320 -1.60 -3.84 29.36
CA ASP A 320 -1.84 -2.49 29.85
C ASP A 320 -0.53 -1.82 30.25
N ARG A 321 0.49 -1.98 29.40
CA ARG A 321 1.81 -1.37 29.57
C ARG A 321 2.57 -1.83 30.83
N LYS A 322 2.05 -2.82 31.54
CA LYS A 322 2.71 -3.36 32.73
C LYS A 322 3.10 -4.82 32.50
N LYS A 323 4.05 -5.30 33.31
CA LYS A 323 4.48 -6.69 33.19
C LYS A 323 3.35 -7.65 33.51
N ILE A 324 3.27 -8.72 32.74
CA ILE A 324 2.30 -9.77 32.99
C ILE A 324 2.84 -10.63 34.14
N SER A 325 2.02 -10.79 35.18
CA SER A 325 2.41 -11.56 36.36
C SER A 325 1.21 -11.92 37.23
N LYS A 326 1.20 -13.15 37.75
CA LYS A 326 0.17 -13.62 38.67
C LYS A 326 0.42 -13.04 40.08
N SER A 327 1.69 -12.96 40.47
CA SER A 327 2.08 -12.43 41.78
C SER A 327 1.72 -10.96 41.93
N LEU A 328 1.80 -10.21 40.83
CA LEU A 328 1.28 -8.83 40.78
C LEU A 328 -0.16 -8.88 40.25
N GLY A 329 -0.79 -7.74 40.08
CA GLY A 329 -2.19 -7.69 39.66
C GLY A 329 -2.40 -7.52 38.17
N ASN A 330 -1.77 -8.38 37.36
CA ASN A 330 -1.86 -8.24 35.91
C ASN A 330 -1.68 -9.55 35.14
N VAL A 331 -2.76 -10.32 35.03
CA VAL A 331 -2.74 -11.60 34.34
C VAL A 331 -3.21 -11.41 32.91
N PHE A 332 -2.69 -12.25 32.02
CA PHE A 332 -3.12 -12.28 30.62
C PHE A 332 -3.26 -13.73 30.16
N ASP A 333 -4.48 -14.25 30.27
CA ASP A 333 -4.79 -15.63 29.94
C ASP A 333 -5.32 -15.72 28.50
N PRO A 334 -4.51 -16.29 27.59
CA PRO A 334 -4.94 -16.35 26.19
C PRO A 334 -6.23 -17.12 25.94
N VAL A 335 -6.39 -18.28 26.57
CA VAL A 335 -7.60 -19.08 26.39
C VAL A 335 -8.85 -18.31 26.80
N GLU A 336 -8.77 -17.67 27.98
CA GLU A 336 -9.86 -16.87 28.49
C GLU A 336 -10.20 -15.74 27.52
N LYS A 337 -9.18 -15.05 27.03
CA LYS A 337 -9.41 -13.94 26.09
C LYS A 337 -9.93 -14.44 24.74
N ALA A 338 -9.52 -15.64 24.33
CA ALA A 338 -10.03 -16.26 23.12
C ALA A 338 -11.52 -16.65 23.25
N GLU A 339 -11.88 -17.18 24.41
CA GLU A 339 -13.29 -17.44 24.72
C GLU A 339 -14.09 -16.13 24.68
N GLU A 340 -13.50 -15.04 25.13
CA GLU A 340 -14.15 -13.73 25.20
C GLU A 340 -14.29 -13.09 23.81
N PHE A 341 -13.21 -13.04 23.04
CA PHE A 341 -13.22 -12.30 21.76
C PHE A 341 -13.15 -13.18 20.50
N GLY A 342 -12.83 -14.47 20.65
CA GLY A 342 -12.69 -15.37 19.51
C GLY A 342 -11.25 -15.84 19.34
N TYR A 343 -11.06 -17.09 18.93
CA TYR A 343 -9.73 -17.65 18.75
C TYR A 343 -8.99 -17.00 17.57
N ASP A 344 -9.58 -17.03 16.38
CA ASP A 344 -8.93 -16.42 15.22
C ASP A 344 -8.70 -14.92 15.45
N ALA A 345 -9.65 -14.25 16.10
CA ALA A 345 -9.52 -12.82 16.38
C ALA A 345 -8.34 -12.53 17.31
N LEU A 346 -8.20 -13.33 18.36
CA LEU A 346 -7.07 -13.15 19.28
C LEU A 346 -5.74 -13.42 18.59
N LYS A 347 -5.69 -14.48 17.78
CA LYS A 347 -4.50 -14.78 17.00
C LYS A 347 -4.14 -13.61 16.08
N TYR A 348 -5.13 -13.13 15.34
CA TYR A 348 -4.95 -11.98 14.47
C TYR A 348 -4.32 -10.83 15.25
N PHE A 349 -4.89 -10.54 16.41
CA PHE A 349 -4.43 -9.39 17.17
C PHE A 349 -2.96 -9.54 17.55
N LEU A 350 -2.60 -10.72 18.05
CA LEU A 350 -1.23 -10.97 18.51
C LEU A 350 -0.25 -10.86 17.34
N LEU A 351 -0.67 -11.26 16.15
CA LEU A 351 0.21 -11.24 14.98
C LEU A 351 0.23 -9.90 14.25
N ARG A 352 -0.83 -9.11 14.43
CA ARG A 352 -0.95 -7.82 13.78
C ARG A 352 -0.41 -6.69 14.67
N GLU A 353 -0.69 -6.77 15.97
CA GLU A 353 -0.41 -5.66 16.88
C GLU A 353 1.08 -5.32 16.96
N SER A 354 1.93 -6.33 16.89
CA SER A 354 3.36 -6.14 17.07
C SER A 354 4.18 -6.88 16.05
N GLY A 355 5.34 -6.32 15.71
CA GLY A 355 6.32 -7.02 14.88
C GLY A 355 7.29 -7.76 15.77
N PHE A 356 8.18 -8.55 15.15
CA PHE A 356 9.12 -9.37 15.91
C PHE A 356 10.20 -8.52 16.56
N SER A 357 10.43 -7.33 16.05
CA SER A 357 11.40 -6.42 16.66
C SER A 357 10.83 -5.64 17.87
N ASP A 358 9.54 -5.81 18.18
CA ASP A 358 8.90 -5.03 19.25
C ASP A 358 8.42 -5.91 20.41
N ASP A 359 8.37 -5.31 21.59
CA ASP A 359 7.67 -5.88 22.74
C ASP A 359 6.22 -5.38 22.70
N GLY A 360 5.32 -6.27 22.28
CA GLY A 360 3.93 -5.91 22.08
C GLY A 360 3.21 -5.63 23.39
N ASP A 361 2.11 -4.89 23.27
CA ASP A 361 1.26 -4.59 24.43
C ASP A 361 -0.20 -4.92 24.14
N TYR A 362 -0.79 -5.78 24.98
CA TYR A 362 -2.22 -6.06 24.92
C TYR A 362 -3.04 -5.11 25.80
N SER A 363 -4.19 -4.70 25.30
CA SER A 363 -5.26 -4.15 26.12
C SER A 363 -6.60 -4.55 25.50
N ASP A 364 -7.63 -4.69 26.33
CA ASP A 364 -8.99 -4.94 25.84
C ASP A 364 -9.42 -3.85 24.85
N LYS A 365 -9.04 -2.61 25.13
CA LYS A 365 -9.37 -1.47 24.26
C LYS A 365 -8.83 -1.66 22.85
N ASN A 366 -7.53 -1.92 22.74
CA ASN A 366 -6.90 -2.06 21.44
C ASN A 366 -7.35 -3.35 20.74
N MET A 367 -7.60 -4.39 21.51
CA MET A 367 -8.12 -5.65 20.96
C MET A 367 -9.46 -5.40 20.29
N ILE A 368 -10.34 -4.70 20.98
CA ILE A 368 -11.67 -4.40 20.47
C ILE A 368 -11.63 -3.49 19.24
N ALA A 369 -10.71 -2.53 19.25
CA ALA A 369 -10.57 -1.62 18.12
C ALA A 369 -10.11 -2.32 16.86
N ARG A 370 -9.19 -3.27 16.99
CA ARG A 370 -8.77 -4.05 15.83
C ARG A 370 -9.85 -5.02 15.35
N LEU A 371 -10.54 -5.67 16.29
CA LEU A 371 -11.61 -6.58 15.95
C LEU A 371 -12.76 -5.85 15.24
N ASN A 372 -13.19 -4.71 15.78
CA ASN A 372 -14.25 -3.90 15.15
C ASN A 372 -13.82 -3.23 13.85
N GLY A 373 -12.65 -2.60 13.86
CA GLY A 373 -12.13 -1.86 12.71
C GLY A 373 -11.68 -2.72 11.55
N GLU A 374 -10.85 -3.72 11.83
CA GLU A 374 -10.28 -4.54 10.76
C GLU A 374 -11.10 -5.79 10.46
N LEU A 375 -11.40 -6.58 11.48
CA LEU A 375 -12.05 -7.86 11.24
C LEU A 375 -13.53 -7.71 10.91
N ALA A 376 -14.26 -6.89 11.67
CA ALA A 376 -15.68 -6.67 11.40
C ALA A 376 -15.95 -5.64 10.28
N ASP A 377 -15.40 -4.43 10.41
CA ASP A 377 -15.74 -3.35 9.48
C ASP A 377 -15.05 -3.47 8.12
N THR A 378 -13.86 -4.06 8.06
CA THR A 378 -13.12 -4.11 6.81
C THR A 378 -13.34 -5.45 6.13
N LEU A 379 -13.00 -6.54 6.81
CA LEU A 379 -13.17 -7.89 6.25
C LEU A 379 -14.61 -8.36 6.31
N GLY A 380 -15.20 -8.40 7.49
CA GLY A 380 -16.55 -8.94 7.66
C GLY A 380 -17.60 -8.24 6.82
N ASN A 381 -17.62 -6.92 6.87
CA ASN A 381 -18.57 -6.12 6.11
C ASN A 381 -18.50 -6.39 4.61
N LEU A 382 -17.28 -6.55 4.10
CA LEU A 382 -17.04 -6.85 2.70
C LEU A 382 -17.58 -8.22 2.29
N VAL A 383 -17.35 -9.23 3.14
CA VAL A 383 -17.86 -10.57 2.89
C VAL A 383 -19.38 -10.56 2.84
N MET A 384 -20.01 -9.83 3.75
CA MET A 384 -21.47 -9.80 3.79
C MET A 384 -22.02 -9.08 2.55
N ARG A 385 -21.43 -7.95 2.18
CA ARG A 385 -21.85 -7.19 1.00
C ARG A 385 -21.84 -7.98 -0.31
N CYS A 386 -20.75 -8.66 -0.63
CA CYS A 386 -20.67 -9.37 -1.90
C CYS A 386 -21.45 -10.68 -1.92
N THR A 387 -21.88 -11.16 -0.76
CA THR A 387 -22.72 -12.35 -0.70
C THR A 387 -24.21 -12.08 -0.45
N SER A 388 -24.61 -10.83 -0.21
CA SER A 388 -26.01 -10.56 0.17
C SER A 388 -26.93 -10.71 -1.02
N ALA A 389 -28.13 -11.27 -0.77
CA ALA A 389 -29.13 -11.46 -1.82
C ALA A 389 -29.60 -10.13 -2.41
N LYS A 390 -29.47 -9.06 -1.62
CA LYS A 390 -29.81 -7.70 -2.04
C LYS A 390 -28.87 -7.18 -3.14
N ILE A 391 -27.59 -7.56 -3.08
CA ILE A 391 -26.62 -7.10 -4.07
C ILE A 391 -26.34 -8.20 -5.09
N ASN A 392 -26.07 -9.40 -4.59
CA ASN A 392 -25.83 -10.57 -5.42
C ASN A 392 -27.13 -11.33 -5.56
N VAL A 393 -27.99 -10.85 -6.45
CA VAL A 393 -29.37 -11.35 -6.53
C VAL A 393 -29.45 -12.82 -6.97
N ASN A 394 -28.57 -13.24 -7.86
CA ASN A 394 -28.57 -14.64 -8.32
C ASN A 394 -27.81 -15.60 -7.41
N GLY A 395 -27.19 -15.09 -6.36
CA GLY A 395 -26.47 -15.95 -5.41
C GLY A 395 -25.30 -16.68 -6.03
N GLU A 396 -24.53 -15.99 -6.87
CA GLU A 396 -23.41 -16.64 -7.55
C GLU A 396 -22.32 -15.68 -7.99
N TRP A 397 -21.25 -16.24 -8.55
CA TRP A 397 -20.20 -15.47 -9.15
C TRP A 397 -20.65 -15.07 -10.55
N PRO A 398 -20.87 -13.76 -10.79
CA PRO A 398 -21.25 -13.39 -12.13
C PRO A 398 -20.07 -13.39 -13.09
N SER A 399 -20.39 -13.44 -14.38
CA SER A 399 -19.43 -13.30 -15.44
C SER A 399 -19.19 -11.80 -15.66
N PRO A 400 -17.93 -11.33 -15.53
CA PRO A 400 -17.69 -9.89 -15.64
C PRO A 400 -17.83 -9.35 -17.06
N ALA A 401 -18.26 -8.11 -17.21
CA ALA A 401 -18.20 -7.44 -18.52
C ALA A 401 -16.87 -6.67 -18.62
N ALA A 402 -16.77 -5.74 -19.55
CA ALA A 402 -15.48 -5.07 -19.78
C ALA A 402 -15.05 -4.25 -18.57
N TYR A 403 -13.74 -4.25 -18.33
CA TYR A 403 -13.17 -3.61 -17.16
C TYR A 403 -12.79 -2.17 -17.51
N THR A 404 -13.14 -1.24 -16.62
CA THR A 404 -12.66 0.14 -16.69
C THR A 404 -11.27 0.23 -16.10
N GLU A 405 -10.63 1.39 -16.26
CA GLU A 405 -9.32 1.63 -15.65
C GLU A 405 -9.37 1.51 -14.12
N GLU A 406 -10.39 2.07 -13.49
CA GLU A 406 -10.56 1.92 -12.06
C GLU A 406 -10.64 0.42 -11.68
N ASP A 407 -11.46 -0.34 -12.41
CA ASP A 407 -11.53 -1.79 -12.20
C ASP A 407 -10.14 -2.41 -12.25
N GLU A 408 -9.38 -2.08 -13.27
CA GLU A 408 -8.06 -2.69 -13.50
C GLU A 408 -7.03 -2.30 -12.46
N SER A 409 -7.11 -1.07 -11.95
CA SER A 409 -6.21 -0.66 -10.90
C SER A 409 -6.38 -1.54 -9.66
N LEU A 410 -7.63 -1.91 -9.34
CA LEU A 410 -7.90 -2.77 -8.19
C LEU A 410 -7.45 -4.22 -8.46
N ILE A 411 -7.79 -4.70 -9.66
CA ILE A 411 -7.33 -6.00 -10.10
C ILE A 411 -5.81 -6.11 -10.00
N GLN A 412 -5.10 -5.03 -10.33
CA GLN A 412 -3.64 -5.06 -10.28
C GLN A 412 -3.18 -5.31 -8.85
N LEU A 413 -3.81 -4.65 -7.90
CA LEU A 413 -3.47 -4.84 -6.49
C LEU A 413 -3.71 -6.28 -6.06
N ILE A 414 -4.84 -6.84 -6.50
CA ILE A 414 -5.18 -8.21 -6.16
C ILE A 414 -4.16 -9.19 -6.77
N LYS A 415 -3.75 -8.95 -8.03
CA LYS A 415 -2.76 -9.82 -8.69
C LYS A 415 -1.38 -9.75 -8.06
N ASP A 416 -1.00 -8.56 -7.58
CA ASP A 416 0.32 -8.33 -7.01
C ASP A 416 0.42 -8.87 -5.58
N LEU A 417 -0.72 -8.99 -4.91
CA LEU A 417 -0.73 -9.30 -3.49
C LEU A 417 -0.04 -10.62 -3.12
N PRO A 418 -0.34 -11.74 -3.82
CA PRO A 418 0.30 -13.01 -3.44
C PRO A 418 1.81 -12.95 -3.40
N GLY A 419 2.42 -12.34 -4.42
CA GLY A 419 3.89 -12.26 -4.48
C GLY A 419 4.45 -11.50 -3.27
N THR A 420 3.76 -10.42 -2.91
CA THR A 420 4.17 -9.55 -1.82
C THR A 420 3.97 -10.23 -0.48
N ALA A 421 2.80 -10.84 -0.27
CA ALA A 421 2.52 -11.56 0.98
C ALA A 421 3.49 -12.72 1.13
N ASP A 422 3.74 -13.43 0.03
CA ASP A 422 4.71 -14.54 0.04
C ASP A 422 6.06 -14.12 0.55
N HIS A 423 6.62 -13.04 0.00
CA HIS A 423 7.93 -12.58 0.45
C HIS A 423 7.93 -12.31 1.96
N TYR A 424 6.88 -11.67 2.47
CA TYR A 424 6.84 -11.35 3.88
C TYR A 424 6.70 -12.60 4.75
N TYR A 425 5.90 -13.57 4.33
CA TYR A 425 5.81 -14.84 5.05
C TYR A 425 7.16 -15.57 5.08
N LEU A 426 8.00 -15.38 4.07
CA LEU A 426 9.27 -16.08 3.99
C LEU A 426 10.39 -15.43 4.79
N ILE A 427 10.27 -14.17 5.17
CA ILE A 427 11.36 -13.48 5.85
C ILE A 427 11.76 -14.18 7.17
N PRO A 428 10.80 -14.48 8.06
CA PRO A 428 9.37 -14.12 8.07
C PRO A 428 9.08 -12.82 8.79
N ASP A 429 8.04 -12.14 8.32
CA ASP A 429 7.51 -10.95 8.95
C ASP A 429 6.01 -11.04 8.74
N ILE A 430 5.33 -11.65 9.70
CA ILE A 430 3.91 -11.95 9.58
C ILE A 430 3.06 -10.67 9.68
N GLN A 431 3.48 -9.76 10.53
CA GLN A 431 2.81 -8.48 10.64
C GLN A 431 2.70 -7.78 9.28
N LYS A 432 3.81 -7.71 8.56
CA LYS A 432 3.80 -7.09 7.24
C LYS A 432 2.94 -7.83 6.22
N ALA A 433 2.95 -9.17 6.27
CA ALA A 433 2.05 -9.94 5.42
C ALA A 433 0.59 -9.54 5.67
N ILE A 434 0.22 -9.47 6.94
CA ILE A 434 -1.15 -9.11 7.32
C ILE A 434 -1.51 -7.72 6.83
N ILE A 435 -0.60 -6.76 7.04
CA ILE A 435 -0.83 -5.38 6.62
C ILE A 435 -0.97 -5.31 5.10
N ALA A 436 -0.13 -6.02 4.37
CA ALA A 436 -0.26 -6.03 2.92
C ALA A 436 -1.65 -6.50 2.50
N VAL A 437 -2.16 -7.58 3.11
CA VAL A 437 -3.46 -8.11 2.73
C VAL A 437 -4.54 -7.09 3.07
N PHE A 438 -4.47 -6.50 4.26
CA PHE A 438 -5.47 -5.53 4.67
C PHE A 438 -5.40 -4.22 3.89
N ASP A 439 -4.24 -3.87 3.34
CA ASP A 439 -4.18 -2.74 2.41
C ASP A 439 -5.03 -3.02 1.19
N VAL A 440 -5.01 -4.26 0.70
CA VAL A 440 -5.87 -4.64 -0.41
C VAL A 440 -7.35 -4.69 0.00
N LEU A 441 -7.66 -5.24 1.16
CA LEU A 441 -9.05 -5.21 1.64
C LEU A 441 -9.61 -3.79 1.74
N ARG A 442 -8.82 -2.83 2.21
CA ARG A 442 -9.28 -1.44 2.27
C ARG A 442 -9.52 -0.86 0.87
N ALA A 443 -8.66 -1.21 -0.09
CA ALA A 443 -8.84 -0.78 -1.48
C ALA A 443 -10.10 -1.38 -2.09
N ILE A 444 -10.37 -2.65 -1.81
CA ILE A 444 -11.58 -3.28 -2.31
C ILE A 444 -12.79 -2.56 -1.74
N ASN A 445 -12.77 -2.25 -0.45
CA ASN A 445 -13.89 -1.52 0.19
C ASN A 445 -14.14 -0.14 -0.39
N ALA A 446 -13.08 0.60 -0.64
CA ALA A 446 -13.22 1.93 -1.24
C ALA A 446 -13.72 1.84 -2.68
N TYR A 447 -13.31 0.80 -3.41
CA TYR A 447 -13.87 0.52 -4.74
C TYR A 447 -15.37 0.23 -4.64
N VAL A 448 -15.76 -0.64 -3.71
CA VAL A 448 -17.20 -0.93 -3.52
C VAL A 448 -17.99 0.35 -3.18
N THR A 449 -17.47 1.13 -2.24
CA THR A 449 -18.12 2.37 -1.84
C THR A 449 -18.24 3.31 -3.03
N ASP A 450 -17.20 3.39 -3.83
CA ASP A 450 -17.18 4.24 -4.99
C ASP A 450 -18.16 3.79 -6.10
N MET A 451 -18.34 2.47 -6.24
CA MET A 451 -19.24 1.92 -7.28
C MET A 451 -20.71 1.76 -6.84
N ALA A 452 -20.97 1.73 -5.54
CA ALA A 452 -22.34 1.61 -5.02
C ALA A 452 -23.16 0.54 -5.74
N PRO A 453 -22.74 -0.73 -5.60
CA PRO A 453 -23.38 -1.82 -6.35
C PRO A 453 -24.86 -1.99 -6.01
N TRP A 454 -25.25 -1.56 -4.83
CA TRP A 454 -26.65 -1.57 -4.41
C TRP A 454 -27.54 -0.71 -5.32
N LYS A 455 -27.04 0.43 -5.78
CA LYS A 455 -27.77 1.24 -6.76
C LYS A 455 -27.74 0.58 -8.14
N LEU A 456 -26.62 -0.06 -8.49
CA LEU A 456 -26.45 -0.70 -9.81
C LEU A 456 -27.42 -1.86 -10.09
N VAL A 457 -27.94 -2.47 -9.03
CA VAL A 457 -28.92 -3.55 -9.18
C VAL A 457 -30.07 -3.11 -10.05
N LYS A 458 -30.62 -1.93 -9.77
CA LYS A 458 -31.69 -1.34 -10.57
C LYS A 458 -31.14 -0.69 -11.83
N THR A 459 -30.05 0.03 -11.66
CA THR A 459 -29.57 0.99 -12.64
C THR A 459 -28.74 0.39 -13.80
N ASP A 460 -27.85 -0.54 -13.49
CA ASP A 460 -26.97 -1.12 -14.52
C ASP A 460 -26.51 -2.52 -14.12
N PRO A 461 -27.38 -3.52 -14.34
CA PRO A 461 -27.06 -4.89 -13.96
C PRO A 461 -25.80 -5.43 -14.64
N GLU A 462 -25.51 -4.99 -15.86
CA GLU A 462 -24.30 -5.44 -16.54
C GLU A 462 -23.06 -4.95 -15.80
N ARG A 463 -23.07 -3.67 -15.42
CA ARG A 463 -21.96 -3.09 -14.65
C ARG A 463 -21.80 -3.81 -13.31
N LEU A 464 -22.92 -4.14 -12.67
CA LEU A 464 -22.90 -4.83 -11.40
C LEU A 464 -22.16 -6.16 -11.49
N ARG A 465 -22.32 -6.88 -12.60
CA ARG A 465 -21.63 -8.16 -12.79
C ARG A 465 -20.12 -8.00 -12.67
N THR A 466 -19.59 -6.92 -13.23
CA THR A 466 -18.18 -6.66 -13.21
C THR A 466 -17.72 -6.32 -11.78
N VAL A 467 -18.42 -5.38 -11.17
CA VAL A 467 -18.07 -4.91 -9.83
C VAL A 467 -18.14 -6.07 -8.83
N LEU A 468 -19.16 -6.89 -8.96
CA LEU A 468 -19.39 -7.99 -8.05
C LEU A 468 -18.32 -9.08 -8.21
N TYR A 469 -17.98 -9.39 -9.45
CA TYR A 469 -16.95 -10.40 -9.70
C TYR A 469 -15.60 -9.98 -9.13
N ILE A 470 -15.22 -8.73 -9.37
CA ILE A 470 -13.95 -8.22 -8.87
C ILE A 470 -13.91 -8.32 -7.36
N THR A 471 -15.03 -7.94 -6.72
CA THR A 471 -15.10 -7.95 -5.27
C THR A 471 -14.98 -9.36 -4.70
N LEU A 472 -15.72 -10.30 -5.29
CA LEU A 472 -15.67 -11.70 -4.85
C LEU A 472 -14.26 -12.24 -4.94
N GLU A 473 -13.62 -11.98 -6.07
CA GLU A 473 -12.31 -12.53 -6.31
C GLU A 473 -11.27 -11.87 -5.41
N GLY A 474 -11.42 -10.57 -5.15
CA GLY A 474 -10.58 -9.90 -4.18
C GLY A 474 -10.72 -10.51 -2.79
N VAL A 475 -11.97 -10.75 -2.38
CA VAL A 475 -12.23 -11.36 -1.08
C VAL A 475 -11.63 -12.76 -0.99
N ARG A 476 -11.75 -13.53 -2.07
CA ARG A 476 -11.22 -14.88 -2.11
C ARG A 476 -9.69 -14.90 -1.96
N VAL A 477 -9.00 -14.10 -2.76
CA VAL A 477 -7.55 -14.08 -2.75
C VAL A 477 -7.01 -13.60 -1.40
N THR A 478 -7.58 -12.51 -0.88
CA THR A 478 -7.16 -11.98 0.42
C THR A 478 -7.39 -13.01 1.52
N THR A 479 -8.54 -13.68 1.49
CA THR A 479 -8.88 -14.68 2.49
C THR A 479 -7.93 -15.87 2.43
N LEU A 480 -7.54 -16.27 1.22
CA LEU A 480 -6.58 -17.37 1.06
C LEU A 480 -5.26 -17.03 1.74
N LEU A 481 -4.77 -15.81 1.50
CA LEU A 481 -3.53 -15.36 2.09
C LEU A 481 -3.63 -15.12 3.59
N LEU A 482 -4.85 -14.90 4.10
CA LEU A 482 -5.06 -14.77 5.53
C LEU A 482 -5.37 -16.09 6.20
N SER A 483 -5.53 -17.17 5.41
CA SER A 483 -5.98 -18.43 5.97
C SER A 483 -5.05 -19.00 7.05
N PRO A 484 -3.73 -18.74 6.95
CA PRO A 484 -2.85 -19.13 8.05
C PRO A 484 -3.07 -18.38 9.36
N ILE A 485 -3.64 -17.17 9.27
CA ILE A 485 -3.87 -16.27 10.41
C ILE A 485 -5.25 -16.53 11.02
N LEU A 486 -6.24 -16.69 10.16
CA LEU A 486 -7.63 -16.91 10.57
C LEU A 486 -8.10 -18.26 10.02
N PRO A 487 -7.56 -19.37 10.57
CA PRO A 487 -7.84 -20.65 9.94
C PRO A 487 -9.29 -21.11 9.96
N ARG A 488 -10.03 -20.83 11.01
CA ARG A 488 -11.45 -21.21 11.07
C ARG A 488 -12.33 -20.24 10.31
N LYS A 489 -12.07 -18.95 10.47
CA LYS A 489 -12.90 -17.94 9.81
C LYS A 489 -12.73 -17.98 8.29
N SER A 490 -11.54 -18.33 7.80
CA SER A 490 -11.33 -18.41 6.36
C SER A 490 -12.19 -19.51 5.73
N VAL A 491 -12.37 -20.62 6.45
CA VAL A 491 -13.25 -21.71 5.99
C VAL A 491 -14.68 -21.21 5.89
N VAL A 492 -15.14 -20.45 6.88
CA VAL A 492 -16.48 -19.88 6.87
C VAL A 492 -16.65 -18.96 5.66
N ILE A 493 -15.62 -18.17 5.38
CA ILE A 493 -15.66 -17.25 4.26
C ILE A 493 -15.74 -18.02 2.95
N PHE A 494 -14.87 -19.01 2.76
CA PHE A 494 -14.89 -19.79 1.54
C PHE A 494 -16.24 -20.50 1.36
N ASP A 495 -16.82 -21.02 2.45
CA ASP A 495 -18.16 -21.62 2.40
C ASP A 495 -19.23 -20.62 1.97
N MET A 496 -19.21 -19.43 2.56
CA MET A 496 -20.16 -18.39 2.17
C MET A 496 -19.98 -18.08 0.70
N LEU A 497 -18.74 -18.08 0.23
CA LEU A 497 -18.46 -17.76 -1.18
C LEU A 497 -18.71 -18.93 -2.13
N GLY A 498 -18.81 -20.14 -1.58
CA GLY A 498 -18.97 -21.34 -2.40
C GLY A 498 -17.71 -21.69 -3.15
N VAL A 499 -16.55 -21.39 -2.56
CA VAL A 499 -15.28 -21.75 -3.19
C VAL A 499 -15.04 -23.24 -3.00
N PRO A 500 -14.90 -23.98 -4.11
CA PRO A 500 -14.69 -25.42 -3.98
C PRO A 500 -13.41 -25.75 -3.23
N GLU A 501 -13.44 -26.90 -2.56
CA GLU A 501 -12.34 -27.33 -1.68
CA GLU A 501 -12.35 -27.32 -1.69
C GLU A 501 -11.00 -27.24 -2.41
N VAL A 502 -10.95 -27.74 -3.64
CA VAL A 502 -9.71 -27.75 -4.40
C VAL A 502 -9.07 -26.37 -4.56
N HIS A 503 -9.91 -25.33 -4.63
CA HIS A 503 -9.41 -23.95 -4.78
C HIS A 503 -9.05 -23.24 -3.48
N ARG A 504 -9.08 -23.96 -2.36
CA ARG A 504 -8.76 -23.36 -1.06
C ARG A 504 -7.28 -23.47 -0.67
N LYS A 505 -6.49 -24.10 -1.52
CA LYS A 505 -5.04 -24.11 -1.33
C LYS A 505 -4.31 -24.27 -2.65
N GLY A 506 -2.99 -24.19 -2.59
CA GLY A 506 -2.14 -24.38 -3.76
C GLY A 506 -1.84 -23.08 -4.46
N ILE A 507 -0.62 -22.95 -4.98
CA ILE A 507 -0.20 -21.70 -5.62
C ILE A 507 -0.98 -21.41 -6.90
N GLU A 508 -1.51 -22.45 -7.54
CA GLU A 508 -2.38 -22.29 -8.68
C GLU A 508 -3.51 -21.32 -8.32
N ASN A 509 -3.96 -21.38 -7.07
CA ASN A 509 -5.08 -20.55 -6.63
C ASN A 509 -4.73 -19.17 -6.06
N PHE A 510 -3.45 -18.84 -6.05
CA PHE A 510 -3.03 -17.45 -5.87
C PHE A 510 -3.38 -16.58 -7.10
N GLU A 511 -3.67 -17.22 -8.24
CA GLU A 511 -3.92 -16.50 -9.49
C GLU A 511 -5.31 -15.88 -9.48
N PHE A 512 -5.40 -14.68 -10.03
CA PHE A 512 -6.66 -13.99 -10.21
C PHE A 512 -7.47 -14.76 -11.23
N GLY A 513 -8.70 -15.10 -10.88
CA GLY A 513 -9.62 -15.76 -11.81
C GLY A 513 -9.75 -17.27 -11.65
N ALA A 514 -9.30 -17.80 -10.52
CA ALA A 514 -9.25 -19.26 -10.34
C ALA A 514 -10.63 -19.88 -10.15
N VAL A 515 -11.57 -19.11 -9.65
CA VAL A 515 -12.93 -19.60 -9.45
C VAL A 515 -13.81 -19.07 -10.58
N PRO A 516 -14.43 -20.00 -11.35
CA PRO A 516 -15.16 -19.57 -12.53
C PRO A 516 -16.53 -18.91 -12.27
N PRO A 517 -16.94 -17.99 -13.17
CA PRO A 517 -18.31 -17.46 -13.10
C PRO A 517 -19.33 -18.57 -13.16
N GLY A 518 -20.43 -18.40 -12.44
CA GLY A 518 -21.47 -19.42 -12.37
C GLY A 518 -21.31 -20.31 -11.14
N THR A 519 -20.18 -20.21 -10.45
CA THR A 519 -20.02 -20.86 -9.16
C THR A 519 -21.09 -20.33 -8.20
N ARG A 520 -21.85 -21.23 -7.58
CA ARG A 520 -22.90 -20.83 -6.66
C ARG A 520 -22.33 -20.48 -5.29
N LEU A 521 -22.90 -19.46 -4.66
CA LEU A 521 -22.55 -19.13 -3.29
C LEU A 521 -23.08 -20.22 -2.35
N GLY A 522 -22.50 -20.28 -1.16
CA GLY A 522 -22.97 -21.20 -0.13
C GLY A 522 -24.31 -20.73 0.42
N PRO A 523 -25.06 -21.64 1.06
CA PRO A 523 -26.34 -21.19 1.62
C PRO A 523 -26.18 -20.10 2.68
N ALA A 524 -27.25 -19.34 2.88
CA ALA A 524 -27.28 -18.27 3.87
C ALA A 524 -27.92 -18.78 5.14
N VAL A 525 -27.38 -18.37 6.29
CA VAL A 525 -27.97 -18.66 7.59
C VAL A 525 -28.47 -17.34 8.17
N GLU A 526 -29.74 -17.30 8.55
CA GLU A 526 -30.39 -16.06 9.00
C GLU A 526 -29.65 -15.39 10.15
N GLY A 527 -29.21 -14.15 9.93
CA GLY A 527 -28.62 -13.32 10.97
C GLY A 527 -27.20 -13.65 11.40
N GLU A 528 -26.57 -14.63 10.74
CA GLU A 528 -25.24 -15.10 11.15
C GLU A 528 -24.12 -14.25 10.54
N VAL A 529 -23.57 -13.33 11.35
CA VAL A 529 -22.45 -12.48 10.90
C VAL A 529 -21.11 -13.16 11.16
N LEU A 530 -20.06 -12.67 10.51
CA LEU A 530 -18.76 -13.32 10.53
C LEU A 530 -17.93 -12.95 11.75
N PHE A 531 -17.81 -11.64 12.01
CA PHE A 531 -17.19 -11.10 13.22
C PHE A 531 -18.16 -10.10 13.84
N SER A 532 -18.71 -10.43 15.01
CA SER A 532 -19.67 -9.53 15.65
C SER A 532 -18.92 -8.44 16.42
N LYS A 533 -19.29 -7.19 16.16
CA LYS A 533 -18.68 -6.04 16.82
C LYS A 533 -19.00 -6.08 18.31
N ARG A 534 -18.08 -5.58 19.13
CA ARG A 534 -18.23 -5.62 20.58
CA ARG A 534 -18.23 -5.62 20.58
C ARG A 534 -18.12 -4.21 21.17
N SER A 535 -18.95 -3.93 22.18
CA SER A 535 -18.99 -2.63 22.81
C SER A 535 -17.63 -2.24 23.40
N THR A 536 -17.30 -0.95 23.28
CA THR A 536 -16.07 -0.41 23.84
C THR A 536 -16.29 -0.02 25.31
N GLU A 537 -15.72 -0.80 26.22
CA GLU A 537 -15.91 -0.60 27.66
C GLU A 537 -14.83 0.31 28.22
N GLY B 1 2.94 -6.16 -11.83
CA GLY B 1 2.74 -6.52 -13.26
C GLY B 1 2.96 -5.34 -14.19
N PRO B 2 2.83 -5.57 -15.50
CA PRO B 2 2.98 -4.47 -16.46
C PRO B 2 1.85 -3.47 -16.38
N GLY B 3 2.12 -2.26 -16.82
CA GLY B 3 1.08 -1.28 -16.98
C GLY B 3 0.54 -1.33 -18.39
N SER B 4 -0.26 -0.33 -18.73
CA SER B 4 -0.84 -0.25 -20.05
C SER B 4 0.26 0.09 -21.04
N MET B 5 0.13 -0.49 -22.23
CA MET B 5 0.98 -0.21 -23.37
C MET B 5 0.86 1.28 -23.76
N LYS B 6 1.89 1.82 -24.38
CA LYS B 6 1.81 3.18 -24.94
C LYS B 6 0.64 3.30 -25.93
N VAL B 7 0.00 4.46 -25.96
CA VAL B 7 -0.98 4.74 -27.00
C VAL B 7 -0.23 4.87 -28.33
N GLU B 8 -0.91 4.56 -29.44
CA GLU B 8 -0.33 4.70 -30.78
C GLU B 8 -0.49 6.15 -31.30
N LYS B 9 -1.57 6.80 -30.91
CA LYS B 9 -1.84 8.17 -31.34
C LYS B 9 -1.04 9.18 -30.54
N VAL B 10 -1.30 10.47 -30.75
CA VAL B 10 -0.75 11.51 -29.89
C VAL B 10 -1.71 11.65 -28.73
N PHE B 11 -1.20 11.50 -27.50
CA PHE B 11 -2.03 11.58 -26.32
C PHE B 11 -2.50 13.02 -26.16
N PHE B 12 -3.81 13.22 -26.17
CA PHE B 12 -4.43 14.53 -26.27
C PHE B 12 -5.17 14.82 -24.96
N VAL B 13 -4.66 15.82 -24.22
CA VAL B 13 -5.21 16.20 -22.93
C VAL B 13 -5.44 17.69 -22.92
N THR B 14 -6.58 18.09 -22.37
CA THR B 14 -7.03 19.48 -22.39
C THR B 14 -7.43 19.97 -21.01
N SER B 15 -7.36 21.29 -20.84
CA SER B 15 -8.01 21.97 -19.73
C SER B 15 -9.21 22.70 -20.33
N PRO B 16 -10.11 23.23 -19.49
CA PRO B 16 -11.13 24.11 -20.04
C PRO B 16 -10.46 25.35 -20.56
N ILE B 17 -11.18 26.13 -21.37
CA ILE B 17 -10.72 27.48 -21.69
C ILE B 17 -11.40 28.44 -20.72
N TYR B 18 -10.65 29.47 -20.33
CA TYR B 18 -11.04 30.29 -19.20
C TYR B 18 -11.59 31.63 -19.65
N TYR B 19 -12.63 32.10 -18.96
CA TYR B 19 -13.30 33.32 -19.35
C TYR B 19 -12.53 34.56 -18.92
N VAL B 20 -12.38 35.50 -19.85
CA VAL B 20 -11.48 36.65 -19.64
C VAL B 20 -12.13 37.84 -18.95
N ASN B 21 -13.33 37.67 -18.41
CA ASN B 21 -13.90 38.68 -17.53
C ASN B 21 -13.37 38.54 -16.10
N ALA B 22 -12.36 37.70 -15.91
CA ALA B 22 -11.66 37.62 -14.63
C ALA B 22 -10.19 37.30 -14.82
N ALA B 23 -9.40 37.71 -13.85
CA ALA B 23 -7.97 37.45 -13.85
C ALA B 23 -7.75 36.00 -13.44
N PRO B 24 -6.60 35.42 -13.81
CA PRO B 24 -6.29 34.06 -13.40
C PRO B 24 -6.37 33.89 -11.88
N HIS B 25 -6.97 32.81 -11.42
CA HIS B 25 -7.10 32.50 -9.99
C HIS B 25 -6.89 31.00 -9.77
N ILE B 26 -6.97 30.57 -8.53
CA ILE B 26 -6.68 29.19 -8.12
C ILE B 26 -7.42 28.12 -8.96
N GLY B 27 -8.71 28.32 -9.22
CA GLY B 27 -9.49 27.42 -10.06
C GLY B 27 -8.84 27.12 -11.39
N HIS B 28 -8.50 28.18 -12.14
CA HIS B 28 -7.82 28.02 -13.43
C HIS B 28 -6.46 27.33 -13.27
N VAL B 29 -5.71 27.76 -12.27
CA VAL B 29 -4.38 27.21 -12.02
C VAL B 29 -4.46 25.71 -11.70
N TYR B 30 -5.48 25.33 -10.94
CA TYR B 30 -5.69 23.94 -10.52
C TYR B 30 -6.03 23.03 -11.70
N SER B 31 -6.98 23.46 -12.54
CA SER B 31 -7.34 22.68 -13.72
C SER B 31 -6.16 22.48 -14.65
N THR B 32 -5.42 23.55 -14.92
CA THR B 32 -4.26 23.49 -15.80
C THR B 32 -3.12 22.64 -15.23
N LEU B 33 -2.94 22.65 -13.91
CA LEU B 33 -1.99 21.75 -13.26
C LEU B 33 -2.32 20.27 -13.54
N ILE B 34 -3.59 19.90 -13.37
CA ILE B 34 -3.99 18.50 -13.60
C ILE B 34 -3.74 18.12 -15.05
N THR B 35 -4.12 19.01 -15.97
CA THR B 35 -3.82 18.84 -17.39
C THR B 35 -2.31 18.69 -17.61
N ASP B 36 -1.53 19.56 -16.98
CA ASP B 36 -0.09 19.54 -17.12
C ASP B 36 0.52 18.24 -16.63
N VAL B 37 0.04 17.76 -15.49
CA VAL B 37 0.58 16.54 -14.89
C VAL B 37 0.34 15.32 -15.77
N ILE B 38 -0.90 15.19 -16.24
CA ILE B 38 -1.28 14.10 -17.11
C ILE B 38 -0.42 14.15 -18.37
N GLY B 39 -0.26 15.34 -18.93
CA GLY B 39 0.62 15.55 -20.06
C GLY B 39 2.03 15.05 -19.77
N ARG B 40 2.59 15.46 -18.63
CA ARG B 40 3.95 15.07 -18.28
C ARG B 40 4.10 13.58 -18.03
N TYR B 41 3.11 12.94 -17.43
CA TYR B 41 3.22 11.51 -17.22
C TYR B 41 3.38 10.79 -18.56
N HIS B 42 2.52 11.15 -19.51
CA HIS B 42 2.57 10.49 -20.80
C HIS B 42 3.86 10.79 -21.60
N ARG B 43 4.43 11.99 -21.44
CA ARG B 43 5.73 12.26 -22.07
C ARG B 43 6.84 11.39 -21.45
N VAL B 44 6.84 11.30 -20.12
CA VAL B 44 7.82 10.50 -19.39
C VAL B 44 7.67 9.02 -19.74
N LYS B 45 6.45 8.58 -19.97
CA LYS B 45 6.17 7.23 -20.41
C LYS B 45 6.72 6.97 -21.81
N GLY B 46 6.94 8.03 -22.58
CA GLY B 46 7.55 7.93 -23.91
C GLY B 46 6.54 8.04 -25.04
N GLU B 47 5.37 8.60 -24.75
CA GLU B 47 4.35 8.85 -25.77
C GLU B 47 4.50 10.26 -26.32
N ARG B 48 3.97 10.45 -27.53
CA ARG B 48 3.75 11.79 -28.06
C ARG B 48 2.54 12.36 -27.37
N VAL B 49 2.64 13.64 -26.99
CA VAL B 49 1.64 14.33 -26.20
C VAL B 49 1.35 15.71 -26.81
N PHE B 50 0.07 16.07 -26.80
CA PHE B 50 -0.36 17.42 -27.08
C PHE B 50 -1.30 17.88 -25.96
N ALA B 51 -0.86 18.86 -25.18
CA ALA B 51 -1.62 19.39 -24.06
C ALA B 51 -2.07 20.80 -24.40
N LEU B 52 -3.34 21.08 -24.13
CA LEU B 52 -4.02 22.27 -24.61
C LEU B 52 -4.72 22.99 -23.46
N THR B 53 -4.61 24.32 -23.47
CA THR B 53 -5.35 25.18 -22.55
C THR B 53 -5.66 26.43 -23.33
N GLY B 54 -6.38 27.38 -22.73
CA GLY B 54 -6.69 28.62 -23.45
C GLY B 54 -7.72 29.52 -22.83
N THR B 55 -8.21 30.48 -23.63
CA THR B 55 -9.17 31.48 -23.16
C THR B 55 -10.43 31.60 -24.04
N ASP B 56 -11.55 31.85 -23.35
CA ASP B 56 -12.89 32.06 -23.90
C ASP B 56 -13.09 33.59 -23.89
N GLU B 57 -13.16 34.21 -25.06
CA GLU B 57 -12.97 35.65 -25.20
C GLU B 57 -14.19 36.44 -25.70
N HIS B 58 -15.25 35.74 -26.12
CA HIS B 58 -16.46 36.38 -26.67
C HIS B 58 -17.58 36.60 -25.63
N GLY B 59 -18.55 37.41 -26.02
CA GLY B 59 -19.77 37.57 -25.22
C GLY B 59 -19.96 38.94 -24.63
N GLN B 60 -21.19 39.19 -24.19
CA GLN B 60 -21.60 40.50 -23.70
C GLN B 60 -20.77 40.96 -22.51
N LYS B 61 -20.44 40.05 -21.60
CA LYS B 61 -19.74 40.46 -20.37
C LYS B 61 -18.31 40.94 -20.64
N VAL B 62 -17.65 40.33 -21.63
CA VAL B 62 -16.33 40.75 -22.06
C VAL B 62 -16.39 42.14 -22.68
N ALA B 63 -17.32 42.34 -23.59
CA ALA B 63 -17.56 43.65 -24.19
C ALA B 63 -17.86 44.70 -23.12
N GLU B 64 -18.63 44.33 -22.11
CA GLU B 64 -18.99 45.25 -21.03
C GLU B 64 -17.76 45.58 -20.17
N ALA B 65 -16.91 44.59 -19.90
CA ALA B 65 -15.67 44.82 -19.14
C ALA B 65 -14.69 45.72 -19.90
N ALA B 66 -14.59 45.55 -21.22
CA ALA B 66 -13.73 46.40 -22.05
C ALA B 66 -14.22 47.86 -22.02
N LYS B 67 -15.53 48.03 -22.16
CA LYS B 67 -16.17 49.35 -22.09
C LYS B 67 -15.84 50.07 -20.78
N GLN B 68 -15.86 49.36 -19.66
CA GLN B 68 -15.54 49.96 -18.36
C GLN B 68 -14.07 50.37 -18.26
N LYS B 69 -13.16 49.56 -18.83
CA LYS B 69 -11.76 49.96 -18.94
C LYS B 69 -11.51 50.98 -20.07
N GLN B 70 -12.57 51.34 -20.80
CA GLN B 70 -12.46 52.28 -21.91
C GLN B 70 -11.40 51.87 -22.94
N VAL B 71 -11.32 50.57 -23.21
CA VAL B 71 -10.46 50.02 -24.26
C VAL B 71 -11.33 49.18 -25.20
N SER B 72 -10.83 48.90 -26.39
CA SER B 72 -11.55 48.04 -27.33
C SER B 72 -11.61 46.62 -26.77
N PRO B 73 -12.65 45.84 -27.16
CA PRO B 73 -12.67 44.45 -26.75
C PRO B 73 -11.45 43.66 -27.27
N TYR B 74 -10.95 44.02 -28.43
CA TYR B 74 -9.75 43.39 -29.00
C TYR B 74 -8.56 43.54 -28.06
N ASP B 75 -8.30 44.77 -27.63
CA ASP B 75 -7.18 45.02 -26.72
C ASP B 75 -7.42 44.41 -25.34
N PHE B 76 -8.67 44.44 -24.88
CA PHE B 76 -9.02 43.86 -23.58
C PHE B 76 -8.71 42.36 -23.56
N THR B 77 -9.16 41.64 -24.58
CA THR B 77 -8.96 40.20 -24.59
C THR B 77 -7.51 39.82 -24.80
N THR B 78 -6.79 40.58 -25.61
CA THR B 78 -5.37 40.31 -25.82
C THR B 78 -4.65 40.49 -24.49
N ALA B 79 -4.95 41.56 -23.78
CA ALA B 79 -4.32 41.80 -22.49
C ALA B 79 -4.60 40.66 -21.48
N VAL B 80 -5.85 40.26 -21.33
CA VAL B 80 -6.21 39.28 -20.32
C VAL B 80 -5.65 37.90 -20.70
N ALA B 81 -5.69 37.57 -21.99
CA ALA B 81 -5.04 36.35 -22.44
C ALA B 81 -3.54 36.37 -22.10
N GLY B 82 -2.90 37.53 -22.23
CA GLY B 82 -1.52 37.73 -21.80
C GLY B 82 -1.29 37.40 -20.33
N GLU B 83 -2.23 37.82 -19.48
CA GLU B 83 -2.15 37.53 -18.04
C GLU B 83 -2.23 36.01 -17.78
N PHE B 84 -3.09 35.30 -18.52
CA PHE B 84 -3.21 33.85 -18.35
C PHE B 84 -1.91 33.16 -18.79
N LYS B 85 -1.42 33.51 -19.98
CA LYS B 85 -0.14 32.98 -20.48
C LYS B 85 0.96 33.19 -19.47
N LYS B 86 1.10 34.41 -18.97
CA LYS B 86 2.13 34.72 -17.98
C LYS B 86 1.96 33.90 -16.71
N CYS B 87 0.73 33.75 -16.23
CA CYS B 87 0.48 32.97 -15.03
C CYS B 87 0.95 31.54 -15.22
N PHE B 88 0.63 30.94 -16.36
CA PHE B 88 1.00 29.55 -16.61
C PHE B 88 2.51 29.38 -16.88
N GLU B 89 3.16 30.39 -17.42
CA GLU B 89 4.63 30.41 -17.52
C GLU B 89 5.23 30.47 -16.11
N GLN B 90 4.72 31.37 -15.27
CA GLN B 90 5.15 31.45 -13.87
C GLN B 90 4.99 30.15 -13.10
N MET B 91 3.83 29.51 -13.27
CA MET B 91 3.56 28.23 -12.62
C MET B 91 4.40 27.09 -13.19
N ASP B 92 5.11 27.35 -14.29
CA ASP B 92 6.08 26.41 -14.86
C ASP B 92 5.41 25.16 -15.43
N TYR B 93 4.29 25.38 -16.12
CA TYR B 93 3.60 24.31 -16.79
C TYR B 93 4.26 24.07 -18.13
N SER B 94 3.94 22.95 -18.77
CA SER B 94 4.48 22.62 -20.08
C SER B 94 3.32 22.29 -21.03
N ILE B 95 2.47 23.27 -21.26
CA ILE B 95 1.33 23.11 -22.13
C ILE B 95 1.81 23.39 -23.55
N ASP B 96 1.37 22.59 -24.51
CA ASP B 96 1.87 22.67 -25.87
C ASP B 96 1.24 23.81 -26.68
N TYR B 97 -0.01 24.14 -26.43
CA TYR B 97 -0.64 25.23 -27.15
C TYR B 97 -1.64 25.95 -26.28
N PHE B 98 -1.69 27.27 -26.46
CA PHE B 98 -2.62 28.14 -25.76
C PHE B 98 -3.59 28.73 -26.79
N ILE B 99 -4.85 28.31 -26.75
CA ILE B 99 -5.82 28.66 -27.77
C ILE B 99 -6.70 29.82 -27.30
N ARG B 100 -6.99 30.75 -28.21
CA ARG B 100 -7.84 31.91 -27.94
C ARG B 100 -9.01 31.85 -28.92
N THR B 101 -10.24 32.04 -28.45
CA THR B 101 -11.41 31.87 -29.34
C THR B 101 -11.57 32.99 -30.36
N THR B 102 -10.86 34.10 -30.16
CA THR B 102 -10.75 35.15 -31.19
C THR B 102 -9.90 34.74 -32.39
N ASN B 103 -9.21 33.62 -32.31
CA ASN B 103 -8.36 33.16 -33.39
C ASN B 103 -9.16 32.81 -34.66
N GLU B 104 -8.67 33.25 -35.81
CA GLU B 104 -9.37 33.05 -37.09
C GLU B 104 -9.54 31.59 -37.46
N GLN B 105 -8.55 30.77 -37.14
CA GLN B 105 -8.64 29.33 -37.41
C GLN B 105 -9.75 28.67 -36.60
N HIS B 106 -9.88 29.08 -35.34
CA HIS B 106 -10.97 28.61 -34.48
C HIS B 106 -12.31 29.01 -35.06
N LYS B 107 -12.41 30.24 -35.54
CA LYS B 107 -13.68 30.70 -36.10
C LYS B 107 -14.05 29.89 -37.34
N ALA B 108 -13.06 29.55 -38.17
CA ALA B 108 -13.30 28.67 -39.32
C ALA B 108 -13.83 27.31 -38.89
N VAL B 109 -13.25 26.76 -37.83
CA VAL B 109 -13.65 25.45 -37.34
C VAL B 109 -15.07 25.55 -36.75
N VAL B 110 -15.36 26.61 -36.01
CA VAL B 110 -16.70 26.82 -35.47
C VAL B 110 -17.73 26.87 -36.59
N LYS B 111 -17.44 27.60 -37.67
CA LYS B 111 -18.38 27.69 -38.80
C LYS B 111 -18.60 26.36 -39.48
N GLU B 112 -17.52 25.63 -39.64
CA GLU B 112 -17.54 24.32 -40.25
C GLU B 112 -18.40 23.34 -39.44
N LEU B 113 -18.22 23.34 -38.12
CA LEU B 113 -19.03 22.49 -37.25
C LEU B 113 -20.51 22.91 -37.26
N TRP B 114 -20.75 24.21 -37.14
CA TRP B 114 -22.10 24.73 -37.17
C TRP B 114 -22.83 24.26 -38.42
N THR B 115 -22.16 24.44 -39.57
CA THR B 115 -22.78 24.14 -40.87
C THR B 115 -23.09 22.67 -41.01
N LYS B 116 -22.19 21.83 -40.50
CA LYS B 116 -22.43 20.39 -40.51
C LYS B 116 -23.70 20.06 -39.69
N LEU B 117 -23.80 20.60 -38.48
CA LEU B 117 -24.98 20.35 -37.64
C LEU B 117 -26.27 20.84 -38.31
N GLU B 118 -26.22 22.02 -38.93
CA GLU B 118 -27.37 22.58 -39.60
CA GLU B 118 -27.36 22.59 -39.62
C GLU B 118 -27.75 21.71 -40.80
N GLN B 119 -26.76 21.31 -41.60
CA GLN B 119 -27.01 20.44 -42.76
C GLN B 119 -27.60 19.09 -42.35
N LYS B 120 -27.15 18.58 -41.23
CA LYS B 120 -27.68 17.36 -40.65
C LYS B 120 -29.15 17.48 -40.21
N GLY B 121 -29.64 18.71 -40.05
CA GLY B 121 -30.98 18.96 -39.51
C GLY B 121 -31.04 18.97 -38.00
N ASP B 122 -29.89 19.05 -37.35
CA ASP B 122 -29.81 19.08 -35.88
C ASP B 122 -29.79 20.50 -35.30
N ILE B 123 -29.53 21.49 -36.14
CA ILE B 123 -29.80 22.88 -35.81
C ILE B 123 -30.90 23.40 -36.74
N TYR B 124 -31.88 24.09 -36.17
CA TYR B 124 -32.94 24.70 -36.96
C TYR B 124 -33.24 26.11 -36.46
N LEU B 125 -33.81 26.92 -37.34
CA LEU B 125 -34.14 28.31 -37.03
C LEU B 125 -35.64 28.42 -36.76
N GLY B 126 -36.00 29.04 -35.65
CA GLY B 126 -37.40 29.26 -35.28
C GLY B 126 -37.57 30.57 -34.57
N ARG B 127 -38.80 31.08 -34.53
CA ARG B 127 -39.11 32.30 -33.80
C ARG B 127 -39.49 31.96 -32.37
N TYR B 128 -38.70 32.44 -31.42
CA TYR B 128 -38.99 32.23 -30.00
C TYR B 128 -39.82 33.36 -29.45
N GLU B 129 -40.83 33.03 -28.65
CA GLU B 129 -41.60 34.05 -27.94
C GLU B 129 -41.76 33.67 -26.49
N GLY B 130 -41.26 34.53 -25.60
CA GLY B 130 -41.28 34.27 -24.17
C GLY B 130 -40.22 35.03 -23.38
N TRP B 131 -39.98 34.54 -22.17
CA TRP B 131 -39.14 35.26 -21.23
C TRP B 131 -37.66 35.03 -21.50
N TYR B 132 -36.86 36.07 -21.26
CA TYR B 132 -35.41 36.01 -21.40
C TYR B 132 -34.77 36.87 -20.29
N SER B 133 -33.77 36.32 -19.62
CA SER B 133 -32.96 37.06 -18.64
C SER B 133 -31.66 37.54 -19.29
N ILE B 134 -31.52 38.86 -19.41
CA ILE B 134 -30.36 39.44 -20.07
C ILE B 134 -29.09 39.15 -19.26
N SER B 135 -29.15 39.40 -17.95
CA SER B 135 -28.02 39.16 -17.04
C SER B 135 -27.61 37.69 -17.00
N ASP B 136 -28.59 36.79 -16.95
CA ASP B 136 -28.30 35.35 -16.89
C ASP B 136 -28.06 34.75 -18.28
N GLU B 137 -28.37 35.54 -19.31
CA GLU B 137 -28.22 35.13 -20.71
C GLU B 137 -29.00 33.86 -21.02
N SER B 138 -30.22 33.78 -20.50
CA SER B 138 -31.03 32.55 -20.53
C SER B 138 -32.46 32.81 -20.95
N PHE B 139 -32.98 31.92 -21.78
CA PHE B 139 -34.42 31.84 -22.03
C PHE B 139 -35.02 31.08 -20.86
N LEU B 140 -36.22 31.51 -20.44
CA LEU B 140 -36.88 30.94 -19.29
C LEU B 140 -38.36 30.64 -19.58
N THR B 141 -38.84 29.49 -19.10
CA THR B 141 -40.24 29.12 -19.24
C THR B 141 -41.09 29.91 -18.25
N PRO B 142 -42.41 30.01 -18.51
CA PRO B 142 -43.29 30.70 -17.57
C PRO B 142 -43.16 30.19 -16.12
N GLN B 143 -43.05 28.88 -15.93
CA GLN B 143 -42.94 28.31 -14.57
C GLN B 143 -41.58 28.57 -13.89
N ASN B 144 -40.60 29.10 -14.63
CA ASN B 144 -39.32 29.48 -14.01
C ASN B 144 -39.20 30.98 -13.67
N ILE B 145 -40.33 31.67 -13.59
CA ILE B 145 -40.33 33.10 -13.22
C ILE B 145 -41.40 33.43 -12.18
N THR B 146 -41.25 34.59 -11.55
CA THR B 146 -42.27 35.13 -10.65
C THR B 146 -42.15 36.65 -10.55
N ASP B 147 -42.98 37.26 -9.71
CA ASP B 147 -43.01 38.71 -9.56
C ASP B 147 -41.90 39.26 -8.67
N GLY B 148 -41.55 40.51 -8.89
CA GLY B 148 -40.51 41.20 -8.14
C GLY B 148 -40.44 42.66 -8.53
N VAL B 149 -39.30 43.28 -8.28
CA VAL B 149 -39.10 44.71 -8.56
C VAL B 149 -37.72 44.92 -9.19
N ASP B 150 -37.61 45.89 -10.08
CA ASP B 150 -36.30 46.32 -10.63
C ASP B 150 -35.70 47.42 -9.75
N LYS B 151 -34.46 47.82 -10.05
CA LYS B 151 -33.66 48.66 -9.15
C LYS B 151 -34.30 50.00 -8.75
N ASN B 154 -41.25 49.43 -8.60
CA ASN B 154 -41.14 49.12 -10.02
C ASN B 154 -41.52 47.66 -10.32
N PRO B 155 -42.80 47.31 -10.12
CA PRO B 155 -43.24 45.91 -10.23
C PRO B 155 -42.94 45.28 -11.60
N CYS B 156 -42.16 44.21 -11.59
CA CYS B 156 -41.77 43.51 -12.81
C CYS B 156 -41.70 42.00 -12.57
N LYS B 157 -41.26 41.26 -13.59
CA LYS B 157 -41.02 39.82 -13.48
C LYS B 157 -39.53 39.55 -13.30
N VAL B 158 -39.21 38.48 -12.55
CA VAL B 158 -37.83 38.09 -12.31
C VAL B 158 -37.63 36.58 -12.39
N SER B 159 -36.38 36.19 -12.66
CA SER B 159 -36.01 34.79 -12.61
C SER B 159 -36.16 34.24 -11.20
N LEU B 160 -36.86 33.11 -11.09
CA LEU B 160 -37.07 32.45 -9.80
C LEU B 160 -35.72 32.04 -9.19
N GLU B 161 -34.81 31.57 -10.04
CA GLU B 161 -33.49 31.13 -9.60
C GLU B 161 -32.58 32.27 -9.17
N SER B 162 -32.36 33.24 -10.05
CA SER B 162 -31.34 34.28 -9.85
C SER B 162 -31.86 35.61 -9.29
N GLY B 163 -33.15 35.88 -9.50
CA GLY B 163 -33.76 37.14 -9.07
C GLY B 163 -33.61 38.28 -10.07
N HIS B 164 -32.83 38.09 -11.13
CA HIS B 164 -32.62 39.14 -12.13
C HIS B 164 -33.88 39.36 -12.97
N VAL B 165 -34.05 40.56 -13.50
CA VAL B 165 -35.27 40.90 -14.25
C VAL B 165 -35.33 40.17 -15.58
N VAL B 166 -36.53 39.74 -15.95
CA VAL B 166 -36.75 39.04 -17.22
C VAL B 166 -37.65 39.87 -18.15
N THR B 167 -37.42 39.75 -19.45
CA THR B 167 -38.18 40.45 -20.47
C THR B 167 -38.90 39.45 -21.35
N TRP B 168 -40.09 39.81 -21.82
CA TRP B 168 -40.74 39.05 -22.88
C TRP B 168 -40.18 39.47 -24.23
N VAL B 169 -39.57 38.54 -24.95
CA VAL B 169 -38.97 38.84 -26.26
C VAL B 169 -39.60 38.04 -27.39
N SER B 170 -39.47 38.58 -28.60
CA SER B 170 -39.86 37.89 -29.82
C SER B 170 -38.71 37.97 -30.81
N GLU B 171 -38.03 36.86 -31.06
CA GLU B 171 -36.79 36.81 -31.85
C GLU B 171 -36.69 35.51 -32.61
N GLU B 172 -36.17 35.57 -33.84
CA GLU B 172 -35.63 34.38 -34.47
C GLU B 172 -34.42 33.89 -33.66
N ASN B 173 -34.25 32.58 -33.59
CA ASN B 173 -33.21 31.95 -32.77
C ASN B 173 -32.89 30.56 -33.28
N TYR B 174 -31.62 30.17 -33.20
CA TYR B 174 -31.19 28.84 -33.63
C TYR B 174 -31.13 27.87 -32.46
N MET B 175 -31.74 26.69 -32.65
CA MET B 175 -31.83 25.67 -31.61
C MET B 175 -31.15 24.41 -32.05
N PHE B 176 -30.37 23.81 -31.16
CA PHE B 176 -29.81 22.49 -31.39
C PHE B 176 -30.76 21.46 -30.73
N ARG B 177 -31.18 20.45 -31.50
CA ARG B 177 -32.21 19.52 -31.06
C ARG B 177 -31.63 18.47 -30.10
N LEU B 178 -31.11 18.95 -28.97
CA LEU B 178 -30.53 18.09 -27.97
C LEU B 178 -31.49 17.00 -27.48
N SER B 179 -32.79 17.28 -27.47
CA SER B 179 -33.77 16.29 -27.02
C SER B 179 -33.68 14.97 -27.79
N ALA B 180 -33.27 15.05 -29.06
CA ALA B 180 -33.20 13.85 -29.90
C ALA B 180 -31.96 12.97 -29.67
N PHE B 181 -31.05 13.38 -28.77
CA PHE B 181 -29.79 12.66 -28.51
C PHE B 181 -29.78 11.83 -27.23
N ARG B 182 -30.88 11.84 -26.48
CA ARG B 182 -31.00 11.11 -25.23
C ARG B 182 -30.57 9.64 -25.31
N GLU B 183 -31.15 8.88 -26.23
CA GLU B 183 -30.80 7.46 -26.38
C GLU B 183 -29.33 7.25 -26.78
N ARG B 184 -28.84 8.02 -27.74
CA ARG B 184 -27.43 7.86 -28.14
C ARG B 184 -26.47 8.21 -27.00
N LEU B 185 -26.78 9.25 -26.24
CA LEU B 185 -25.94 9.61 -25.10
C LEU B 185 -25.95 8.49 -24.05
N LEU B 186 -27.14 7.98 -23.73
CA LEU B 186 -27.25 6.90 -22.74
C LEU B 186 -26.52 5.65 -23.19
N GLU B 187 -26.53 5.34 -24.49
CA GLU B 187 -25.78 4.20 -25.03
C GLU B 187 -24.26 4.40 -24.88
N TRP B 188 -23.79 5.62 -25.10
CA TRP B 188 -22.37 5.94 -24.93
C TRP B 188 -21.91 5.75 -23.48
N TYR B 189 -22.68 6.26 -22.52
CA TYR B 189 -22.33 6.13 -21.10
C TYR B 189 -22.26 4.66 -20.68
N HIS B 190 -23.21 3.86 -21.14
CA HIS B 190 -23.30 2.44 -20.76
CA HIS B 190 -23.25 2.47 -20.72
C HIS B 190 -22.20 1.61 -21.43
N ALA B 191 -21.89 1.91 -22.67
CA ALA B 191 -20.84 1.17 -23.38
C ALA B 191 -19.43 1.59 -22.93
N ASN B 192 -19.28 2.74 -22.27
CA ASN B 192 -17.97 3.20 -21.81
C ASN B 192 -18.07 3.66 -20.36
N PRO B 193 -18.17 2.70 -19.43
CA PRO B 193 -18.52 3.06 -18.06
C PRO B 193 -17.39 3.74 -17.26
N GLY B 194 -16.23 3.93 -17.89
CA GLY B 194 -15.15 4.73 -17.32
C GLY B 194 -14.94 6.07 -18.01
N CYS B 195 -15.93 6.55 -18.79
CA CYS B 195 -15.70 7.74 -19.63
C CYS B 195 -15.91 9.05 -18.87
N ILE B 196 -16.51 8.99 -17.68
CA ILE B 196 -16.64 10.13 -16.78
C ILE B 196 -16.14 9.73 -15.39
N VAL B 197 -15.27 10.56 -14.83
CA VAL B 197 -14.65 10.32 -13.55
C VAL B 197 -14.79 11.60 -12.74
N PRO B 198 -14.98 11.48 -11.42
CA PRO B 198 -15.19 10.27 -10.62
C PRO B 198 -16.59 9.69 -10.79
N GLU B 199 -16.77 8.49 -10.25
CA GLU B 199 -17.94 7.66 -10.54
C GLU B 199 -19.26 8.32 -10.15
N PHE B 200 -19.28 9.00 -9.00
CA PHE B 200 -20.52 9.62 -8.56
C PHE B 200 -20.97 10.75 -9.49
N ARG B 201 -20.03 11.38 -10.21
CA ARG B 201 -20.40 12.41 -11.18
C ARG B 201 -20.91 11.78 -12.45
N ARG B 202 -20.35 10.64 -12.80
CA ARG B 202 -20.85 9.87 -13.92
C ARG B 202 -22.31 9.50 -13.70
N ARG B 203 -22.62 9.00 -12.50
CA ARG B 203 -23.98 8.62 -12.16
C ARG B 203 -24.93 9.85 -12.25
N GLU B 204 -24.48 11.02 -11.81
CA GLU B 204 -25.29 12.25 -11.92
C GLU B 204 -25.62 12.58 -13.38
N VAL B 205 -24.65 12.47 -14.27
CA VAL B 205 -24.89 12.77 -15.66
C VAL B 205 -25.93 11.80 -16.21
N ILE B 206 -25.79 10.53 -15.89
CA ILE B 206 -26.71 9.52 -16.40
C ILE B 206 -28.14 9.77 -15.90
N ARG B 207 -28.31 10.07 -14.62
CA ARG B 207 -29.67 10.30 -14.09
C ARG B 207 -30.30 11.49 -14.81
N ALA B 208 -29.51 12.54 -15.00
CA ALA B 208 -30.00 13.76 -15.64
C ALA B 208 -30.46 13.51 -17.08
N VAL B 209 -29.69 12.75 -17.85
CA VAL B 209 -30.05 12.45 -19.24
C VAL B 209 -31.25 11.51 -19.32
N GLU B 210 -31.32 10.54 -18.40
CA GLU B 210 -32.48 9.64 -18.33
C GLU B 210 -33.79 10.38 -18.18
N LYS B 211 -33.78 11.51 -17.48
CA LYS B 211 -35.00 12.27 -17.22
C LYS B 211 -35.50 13.05 -18.43
N GLY B 212 -34.71 13.15 -19.50
CA GLY B 212 -35.10 13.88 -20.70
C GLY B 212 -34.30 15.15 -20.83
N LEU B 213 -34.01 15.54 -22.08
CA LEU B 213 -33.22 16.74 -22.33
C LEU B 213 -34.04 17.75 -23.12
N PRO B 214 -34.02 19.01 -22.69
CA PRO B 214 -34.61 20.06 -23.51
C PRO B 214 -33.65 20.42 -24.64
N ASP B 215 -34.21 20.98 -25.72
CA ASP B 215 -33.39 21.50 -26.81
C ASP B 215 -32.57 22.69 -26.33
N LEU B 216 -31.52 23.02 -27.07
CA LEU B 216 -30.51 23.97 -26.61
C LEU B 216 -30.31 25.13 -27.57
N SER B 217 -30.47 26.36 -27.07
CA SER B 217 -30.32 27.55 -27.89
C SER B 217 -28.83 27.82 -28.12
N VAL B 218 -28.42 27.86 -29.38
CA VAL B 218 -27.00 27.98 -29.74
C VAL B 218 -26.66 29.31 -30.42
N SER B 219 -27.62 30.20 -30.53
CA SER B 219 -27.37 31.56 -31.04
C SER B 219 -27.96 32.62 -30.13
N ARG B 220 -27.45 33.85 -30.27
CA ARG B 220 -28.12 35.03 -29.72
C ARG B 220 -28.07 36.12 -30.77
N ALA B 221 -29.01 37.06 -30.72
CA ALA B 221 -29.01 38.20 -31.62
C ALA B 221 -27.73 39.03 -31.44
N ARG B 222 -27.22 39.61 -32.51
CA ARG B 222 -25.90 40.30 -32.41
C ARG B 222 -25.89 41.45 -31.40
N ALA B 223 -26.98 42.20 -31.32
CA ALA B 223 -27.08 43.30 -30.36
C ALA B 223 -26.99 42.80 -28.91
N THR B 224 -27.53 41.62 -28.64
CA THR B 224 -27.49 41.02 -27.29
C THR B 224 -26.05 40.82 -26.82
N LEU B 225 -25.18 40.40 -27.75
CA LEU B 225 -23.78 40.16 -27.45
C LEU B 225 -22.88 41.36 -27.73
N HIS B 226 -23.48 42.54 -27.92
CA HIS B 226 -22.72 43.74 -28.26
C HIS B 226 -21.80 43.51 -29.46
N ASN B 227 -22.25 42.66 -30.38
CA ASN B 227 -21.49 42.35 -31.58
C ASN B 227 -20.12 41.76 -31.32
N TRP B 228 -19.92 41.13 -30.17
CA TRP B 228 -18.62 40.58 -29.81
C TRP B 228 -18.70 39.04 -29.75
N ALA B 229 -18.71 38.42 -30.92
CA ALA B 229 -18.91 36.98 -31.06
C ALA B 229 -18.72 36.59 -32.51
N ILE B 230 -18.78 35.28 -32.79
CA ILE B 230 -18.62 34.75 -34.15
C ILE B 230 -19.96 34.73 -34.88
N PRO B 231 -20.06 35.33 -36.10
CA PRO B 231 -21.34 35.31 -36.83
C PRO B 231 -21.82 33.90 -37.18
N VAL B 232 -23.13 33.69 -37.11
CA VAL B 232 -23.71 32.47 -37.66
C VAL B 232 -23.45 32.43 -39.18
N PRO B 233 -22.91 31.32 -39.71
CA PRO B 233 -22.72 31.19 -41.16
C PRO B 233 -23.99 31.49 -41.95
N GLY B 234 -23.89 32.42 -42.89
CA GLY B 234 -25.02 32.76 -43.74
C GLY B 234 -26.05 33.65 -43.06
N ASN B 235 -25.81 34.08 -41.83
CA ASN B 235 -26.79 34.92 -41.13
C ASN B 235 -26.16 35.91 -40.17
N PRO B 236 -25.69 37.05 -40.69
CA PRO B 236 -24.93 37.99 -39.88
C PRO B 236 -25.74 38.74 -38.80
N ASP B 237 -27.06 38.58 -38.77
CA ASP B 237 -27.86 39.14 -37.67
C ASP B 237 -27.72 38.36 -36.37
N HIS B 238 -27.17 37.15 -36.42
CA HIS B 238 -27.05 36.28 -35.25
C HIS B 238 -25.61 35.82 -35.03
N CAS B 239 -25.33 35.46 -33.78
CA CAS B 239 -24.02 35.08 -33.33
CB CAS B 239 -23.56 36.04 -32.24
C CAS B 239 -24.04 33.71 -32.71
O CAS B 239 -24.99 33.33 -32.04
SG CAS B 239 -23.62 37.76 -32.64
AS CAS B 239 -22.07 38.03 -34.14
CE1 CAS B 239 -20.91 39.61 -33.76
CE2 CAS B 239 -21.02 36.47 -33.90
N VAL B 240 -22.95 32.96 -32.91
CA VAL B 240 -22.79 31.67 -32.26
C VAL B 240 -22.63 31.95 -30.75
N TYR B 241 -23.46 31.31 -29.93
CA TYR B 241 -23.38 31.50 -28.47
C TYR B 241 -22.28 30.58 -27.91
N VAL B 242 -22.12 30.58 -26.58
CA VAL B 242 -20.98 29.90 -25.95
C VAL B 242 -20.80 28.43 -26.33
N TRP B 243 -21.90 27.68 -26.41
CA TRP B 243 -21.81 26.22 -26.49
C TRP B 243 -20.96 25.76 -27.69
N LEU B 244 -21.29 26.21 -28.89
CA LEU B 244 -20.56 25.79 -30.09
C LEU B 244 -19.30 26.63 -30.39
N ASP B 245 -19.11 27.71 -29.64
CA ASP B 245 -17.87 28.48 -29.71
C ASP B 245 -16.81 27.84 -28.79
N ALA B 246 -17.09 27.80 -27.49
CA ALA B 246 -16.10 27.40 -26.51
C ALA B 246 -15.74 25.91 -26.58
N LEU B 247 -16.73 25.04 -26.64
CA LEU B 247 -16.44 23.60 -26.62
C LEU B 247 -15.62 23.18 -27.84
N THR B 248 -15.87 23.86 -28.96
CA THR B 248 -15.19 23.58 -30.20
C THR B 248 -13.67 23.84 -30.15
N ASN B 249 -13.19 24.58 -29.15
CA ASN B 249 -11.76 24.84 -29.03
C ASN B 249 -10.93 23.56 -29.08
N TYR B 250 -11.47 22.46 -28.54
CA TYR B 250 -10.77 21.20 -28.51
C TYR B 250 -10.59 20.62 -29.92
N LEU B 251 -11.59 20.81 -30.77
CA LEU B 251 -11.51 20.37 -32.16
C LEU B 251 -10.50 21.24 -32.91
N THR B 252 -10.57 22.56 -32.69
CA THR B 252 -9.64 23.47 -33.34
C THR B 252 -8.22 23.11 -32.97
N GLY B 253 -7.96 22.98 -31.66
CA GLY B 253 -6.63 22.68 -31.17
C GLY B 253 -6.08 21.39 -31.74
N SER B 254 -6.96 20.42 -31.94
CA SER B 254 -6.57 19.11 -32.47
C SER B 254 -6.13 19.18 -33.92
N ARG B 255 -6.44 20.29 -34.59
CA ARG B 255 -6.14 20.48 -36.01
C ARG B 255 -5.10 21.56 -36.31
N LEU B 256 -4.46 22.11 -35.28
CA LEU B 256 -3.49 23.19 -35.47
C LEU B 256 -2.04 22.68 -35.48
N ARG B 257 -1.34 22.92 -36.58
CA ARG B 257 0.11 22.76 -36.60
C ARG B 257 0.75 23.94 -35.87
N VAL B 258 1.62 23.65 -34.91
CA VAL B 258 2.18 24.66 -34.03
C VAL B 258 3.69 24.69 -34.20
N ASP B 259 4.24 25.89 -34.42
CA ASP B 259 5.69 26.04 -34.58
C ASP B 259 6.40 26.00 -33.22
N GLU B 260 7.73 26.03 -33.25
CA GLU B 260 8.55 25.97 -32.04
C GLU B 260 8.29 27.12 -31.08
N SER B 261 7.93 28.29 -31.60
CA SER B 261 7.55 29.43 -30.77
C SER B 261 6.20 29.26 -30.03
N GLY B 262 5.41 28.26 -30.41
CA GLY B 262 4.06 28.07 -29.84
C GLY B 262 2.97 28.79 -30.61
N LYS B 263 3.32 29.29 -31.80
CA LYS B 263 2.39 29.96 -32.68
C LYS B 263 1.78 28.93 -33.63
N GLU B 264 0.45 28.96 -33.79
CA GLU B 264 -0.20 28.12 -34.78
C GLU B 264 0.16 28.63 -36.17
N VAL B 265 0.47 27.71 -37.05
CA VAL B 265 0.96 28.05 -38.36
C VAL B 265 0.03 27.52 -39.45
N SER B 266 -0.87 26.62 -39.08
CA SER B 266 -1.70 25.96 -40.08
C SER B 266 -2.87 25.23 -39.44
N LEU B 267 -4.04 25.35 -40.07
CA LEU B 267 -5.21 24.54 -39.73
C LEU B 267 -5.37 23.43 -40.77
N VAL B 268 -5.13 22.18 -40.38
CA VAL B 268 -5.34 21.06 -41.31
C VAL B 268 -6.84 20.81 -41.49
N ASP B 269 -7.19 20.23 -42.63
CA ASP B 269 -8.59 19.91 -42.94
C ASP B 269 -9.09 18.70 -42.13
N ASP B 270 -8.25 17.68 -42.01
CA ASP B 270 -8.66 16.39 -41.46
C ASP B 270 -8.01 16.20 -40.08
N PHE B 271 -8.81 16.17 -39.02
CA PHE B 271 -8.27 15.96 -37.66
C PHE B 271 -7.33 14.76 -37.57
N ASN B 272 -7.65 13.67 -38.24
CA ASN B 272 -6.78 12.49 -38.22
C ASN B 272 -5.35 12.75 -38.67
N GLU B 273 -5.14 13.82 -39.42
CA GLU B 273 -3.80 14.18 -39.85
C GLU B 273 -2.80 14.28 -38.68
N LEU B 274 -3.22 14.91 -37.58
CA LEU B 274 -2.33 15.15 -36.45
C LEU B 274 -2.49 14.13 -35.31
N GLU B 275 -3.47 13.23 -35.42
CA GLU B 275 -3.61 12.08 -34.53
C GLU B 275 -3.91 12.46 -33.08
N ARG B 276 -4.58 13.62 -32.88
CA ARG B 276 -4.92 14.09 -31.54
C ARG B 276 -6.37 13.85 -31.19
N PHE B 277 -7.28 14.25 -32.08
CA PHE B 277 -8.71 14.15 -31.79
C PHE B 277 -9.12 12.68 -31.85
N PRO B 278 -10.01 12.23 -30.95
CA PRO B 278 -10.63 12.95 -29.83
C PRO B 278 -9.72 12.97 -28.61
N ALA B 279 -9.97 13.90 -27.69
CA ALA B 279 -9.24 13.97 -26.43
C ALA B 279 -9.23 12.63 -25.70
N ASP B 280 -8.07 12.28 -25.21
CA ASP B 280 -7.93 11.13 -24.33
C ASP B 280 -8.43 11.48 -22.92
N VAL B 281 -8.16 12.71 -22.49
CA VAL B 281 -8.70 13.25 -21.22
C VAL B 281 -9.07 14.72 -21.36
N HIS B 282 -10.32 15.06 -21.08
CA HIS B 282 -10.71 16.45 -20.86
C HIS B 282 -10.73 16.68 -19.35
N VAL B 283 -9.87 17.57 -18.86
CA VAL B 283 -9.90 17.99 -17.46
C VAL B 283 -10.87 19.17 -17.32
N ILE B 284 -11.81 19.06 -16.38
CA ILE B 284 -12.76 20.15 -16.09
C ILE B 284 -13.12 20.26 -14.60
N GLY B 285 -13.70 21.39 -14.23
CA GLY B 285 -14.32 21.55 -12.91
C GLY B 285 -15.75 21.01 -12.96
N LYS B 286 -16.26 20.60 -11.80
CA LYS B 286 -17.59 20.01 -11.69
C LYS B 286 -18.72 20.90 -12.21
N ASP B 287 -18.51 22.22 -12.20
CA ASP B 287 -19.50 23.19 -12.67
C ASP B 287 -19.83 23.12 -14.18
N ILE B 288 -18.94 22.53 -14.98
CA ILE B 288 -19.13 22.45 -16.42
C ILE B 288 -19.25 21.01 -16.93
N LEU B 289 -19.44 20.06 -16.01
CA LEU B 289 -19.57 18.64 -16.37
C LEU B 289 -20.74 18.40 -17.32
N LYS B 290 -21.88 19.00 -17.03
CA LYS B 290 -23.05 18.86 -17.92
C LYS B 290 -22.72 19.31 -19.32
N PHE B 291 -21.98 20.41 -19.47
CA PHE B 291 -21.71 20.94 -20.79
C PHE B 291 -20.79 20.01 -21.53
N HIS B 292 -19.82 19.42 -20.83
CA HIS B 292 -18.84 18.54 -21.47
C HIS B 292 -19.30 17.10 -21.69
N ALA B 293 -20.19 16.60 -20.85
CA ALA B 293 -20.60 15.20 -20.90
C ALA B 293 -21.97 15.00 -21.59
N ILE B 294 -22.67 16.10 -21.84
CA ILE B 294 -23.97 16.06 -22.51
C ILE B 294 -23.97 16.86 -23.82
N TYR B 295 -23.74 18.18 -23.75
CA TYR B 295 -23.74 19.00 -24.97
C TYR B 295 -22.66 18.59 -25.96
N TRP B 296 -21.42 18.55 -25.48
CA TRP B 296 -20.24 18.29 -26.34
C TRP B 296 -20.40 16.98 -27.10
N PRO B 297 -20.65 15.88 -26.41
CA PRO B 297 -20.80 14.65 -27.17
C PRO B 297 -22.01 14.62 -28.13
N ALA B 298 -23.09 15.34 -27.82
CA ALA B 298 -24.21 15.45 -28.73
C ALA B 298 -23.76 16.15 -30.00
N PHE B 299 -22.96 17.22 -29.87
CA PHE B 299 -22.47 17.92 -31.08
C PHE B 299 -21.62 16.97 -31.90
N LEU B 300 -20.78 16.19 -31.24
CA LEU B 300 -19.86 15.28 -31.92
C LEU B 300 -20.64 14.15 -32.60
N LEU B 301 -21.64 13.62 -31.90
CA LEU B 301 -22.52 12.62 -32.50
C LEU B 301 -23.24 13.19 -33.74
N SER B 302 -23.73 14.42 -33.65
CA SER B 302 -24.40 15.03 -34.80
C SER B 302 -23.44 15.10 -35.98
N ALA B 303 -22.22 15.54 -35.71
CA ALA B 303 -21.23 15.74 -36.75
C ALA B 303 -20.58 14.46 -37.25
N GLY B 304 -20.82 13.33 -36.59
CA GLY B 304 -20.16 12.07 -36.95
C GLY B 304 -18.69 12.04 -36.56
N LEU B 305 -18.34 12.76 -35.49
CA LEU B 305 -16.96 12.81 -35.00
C LEU B 305 -16.78 11.87 -33.81
N PRO B 306 -15.55 11.36 -33.60
CA PRO B 306 -15.34 10.47 -32.46
C PRO B 306 -15.47 11.20 -31.11
N LEU B 307 -15.86 10.45 -30.09
CA LEU B 307 -16.10 11.03 -28.77
C LEU B 307 -14.85 10.94 -27.89
N PRO B 308 -14.70 11.89 -26.94
CA PRO B 308 -13.60 11.83 -25.99
C PRO B 308 -13.60 10.53 -25.20
N LYS B 309 -12.42 10.08 -24.83
CA LYS B 309 -12.30 8.82 -24.09
C LYS B 309 -12.66 9.02 -22.63
N LYS B 310 -12.22 10.13 -22.03
CA LYS B 310 -12.48 10.41 -20.63
C LYS B 310 -12.71 11.89 -20.34
N ILE B 311 -13.64 12.15 -19.43
CA ILE B 311 -13.88 13.47 -18.89
C ILE B 311 -13.68 13.35 -17.38
N VAL B 312 -12.74 14.11 -16.84
CA VAL B 312 -12.48 14.08 -15.40
C VAL B 312 -12.85 15.43 -14.80
N ALA B 313 -13.78 15.41 -13.84
CA ALA B 313 -14.33 16.61 -13.23
C ALA B 313 -13.94 16.71 -11.75
N HIS B 314 -13.24 17.77 -11.39
CA HIS B 314 -12.72 17.93 -10.03
C HIS B 314 -13.54 18.92 -9.20
N GLY B 315 -13.19 19.05 -7.93
CA GLY B 315 -13.87 19.95 -7.01
C GLY B 315 -13.32 21.37 -6.99
N TRP B 316 -13.81 22.16 -6.04
CA TRP B 316 -13.47 23.58 -5.88
C TRP B 316 -12.74 23.78 -4.56
N TRP B 317 -11.56 24.41 -4.61
CA TRP B 317 -10.81 24.69 -3.37
C TRP B 317 -11.41 25.73 -2.47
N THR B 318 -11.26 25.51 -1.16
CA THR B 318 -11.42 26.53 -0.13
C THR B 318 -10.06 26.85 0.50
N LYS B 319 -10.03 27.89 1.32
CA LYS B 319 -8.86 28.19 2.17
C LYS B 319 -9.31 28.45 3.60
N ASP B 320 -8.63 27.80 4.56
CA ASP B 320 -8.97 27.90 5.98
C ASP B 320 -10.46 27.59 6.19
N ARG B 321 -10.94 26.57 5.49
CA ARG B 321 -12.34 26.13 5.57
C ARG B 321 -13.35 27.24 5.22
N LYS B 322 -12.93 28.22 4.42
CA LYS B 322 -13.80 29.31 4.00
C LYS B 322 -13.69 29.53 2.50
N LYS B 323 -14.69 30.20 1.92
CA LYS B 323 -14.68 30.51 0.49
C LYS B 323 -13.52 31.44 0.15
N ILE B 324 -12.85 31.16 -0.95
CA ILE B 324 -11.76 31.99 -1.41
C ILE B 324 -12.38 33.18 -2.13
N SER B 325 -12.02 34.39 -1.68
CA SER B 325 -12.63 35.61 -2.21
C SER B 325 -11.78 36.84 -1.85
N LYS B 326 -11.57 37.71 -2.84
CA LYS B 326 -10.80 38.96 -2.65
C LYS B 326 -11.46 39.81 -1.58
N SER B 327 -12.71 40.22 -1.84
CA SER B 327 -13.58 40.75 -0.80
C SER B 327 -13.96 39.55 0.07
N LEU B 328 -14.26 39.80 1.34
CA LEU B 328 -14.34 38.76 2.38
C LEU B 328 -12.94 38.38 2.90
N GLY B 329 -11.89 38.94 2.31
CA GLY B 329 -10.53 38.84 2.85
C GLY B 329 -10.03 37.43 3.05
N ASN B 330 -10.31 36.55 2.09
CA ASN B 330 -9.74 35.20 2.10
C ASN B 330 -9.15 34.91 0.72
N VAL B 331 -7.98 35.49 0.50
CA VAL B 331 -7.25 35.40 -0.75
C VAL B 331 -6.40 34.14 -0.75
N PHE B 332 -6.33 33.45 -1.90
CA PHE B 332 -5.41 32.32 -2.07
C PHE B 332 -4.73 32.46 -3.44
N ASP B 333 -3.57 33.08 -3.42
CA ASP B 333 -2.80 33.38 -4.62
C ASP B 333 -1.74 32.28 -4.79
N PRO B 334 -1.94 31.38 -5.77
CA PRO B 334 -1.02 30.25 -5.86
C PRO B 334 0.43 30.63 -6.18
N VAL B 335 0.63 31.68 -6.97
CA VAL B 335 1.99 32.12 -7.24
C VAL B 335 2.65 32.58 -5.94
N GLU B 336 1.91 33.34 -5.14
CA GLU B 336 2.40 33.82 -3.85
C GLU B 336 2.81 32.67 -2.92
N LYS B 337 1.96 31.64 -2.85
CA LYS B 337 2.26 30.48 -2.00
C LYS B 337 3.41 29.65 -2.55
N ALA B 338 3.48 29.54 -3.88
CA ALA B 338 4.61 28.86 -4.52
C ALA B 338 5.92 29.57 -4.19
N GLU B 339 5.92 30.90 -4.25
CA GLU B 339 7.10 31.71 -3.93
C GLU B 339 7.52 31.51 -2.47
N GLU B 340 6.56 31.30 -1.59
CA GLU B 340 6.82 31.08 -0.17
C GLU B 340 7.32 29.67 0.11
N PHE B 341 6.63 28.65 -0.42
CA PHE B 341 6.91 27.25 -0.05
C PHE B 341 7.63 26.42 -1.10
N GLY B 342 7.72 26.91 -2.33
CA GLY B 342 8.25 26.14 -3.44
C GLY B 342 7.15 25.74 -4.42
N TYR B 343 7.48 25.80 -5.70
CA TYR B 343 6.56 25.49 -6.77
C TYR B 343 6.18 24.01 -6.80
N ASP B 344 7.18 23.13 -6.84
CA ASP B 344 6.92 21.69 -6.84
C ASP B 344 6.19 21.27 -5.56
N ALA B 345 6.51 21.92 -4.45
CA ALA B 345 5.89 21.59 -3.17
C ALA B 345 4.42 21.95 -3.15
N LEU B 346 4.08 23.12 -3.67
CA LEU B 346 2.68 23.51 -3.76
C LEU B 346 1.88 22.58 -4.67
N LYS B 347 2.44 22.30 -5.84
CA LYS B 347 1.81 21.40 -6.81
C LYS B 347 1.54 20.05 -6.14
N TYR B 348 2.54 19.51 -5.45
CA TYR B 348 2.37 18.28 -4.70
C TYR B 348 1.21 18.37 -3.72
N PHE B 349 1.14 19.47 -2.98
CA PHE B 349 0.07 19.62 -2.02
C PHE B 349 -1.29 19.61 -2.71
N LEU B 350 -1.42 20.39 -3.78
CA LEU B 350 -2.69 20.46 -4.51
C LEU B 350 -3.13 19.09 -5.03
N LEU B 351 -2.16 18.28 -5.44
CA LEU B 351 -2.49 16.98 -6.03
C LEU B 351 -2.61 15.83 -5.02
N ARG B 352 -2.01 16.00 -3.84
CA ARG B 352 -2.01 14.97 -2.81
C ARG B 352 -3.10 15.20 -1.76
N GLU B 353 -3.34 16.46 -1.43
CA GLU B 353 -4.27 16.80 -0.35
C GLU B 353 -5.69 16.34 -0.62
N SER B 354 -6.09 16.42 -1.87
CA SER B 354 -7.45 16.09 -2.21
C SER B 354 -7.53 15.34 -3.52
N GLY B 355 -8.51 14.44 -3.62
CA GLY B 355 -8.84 13.81 -4.88
C GLY B 355 -9.85 14.63 -5.65
N PHE B 356 -10.23 14.12 -6.82
CA PHE B 356 -11.15 14.84 -7.68
C PHE B 356 -12.59 14.81 -7.19
N SER B 357 -12.89 13.87 -6.30
CA SER B 357 -14.21 13.78 -5.66
C SER B 357 -14.43 14.81 -4.57
N ASP B 358 -13.37 15.43 -4.08
CA ASP B 358 -13.47 16.30 -2.92
C ASP B 358 -13.25 17.75 -3.31
N ASP B 359 -13.83 18.65 -2.54
CA ASP B 359 -13.51 20.05 -2.58
C ASP B 359 -12.38 20.26 -1.59
N GLY B 360 -11.16 20.39 -2.09
CA GLY B 360 -9.99 20.51 -1.23
C GLY B 360 -9.98 21.76 -0.37
N ASP B 361 -9.25 21.69 0.73
CA ASP B 361 -9.03 22.86 1.58
C ASP B 361 -7.55 23.14 1.73
N TYR B 362 -7.12 24.35 1.38
CA TYR B 362 -5.74 24.78 1.62
C TYR B 362 -5.63 25.46 2.99
N SER B 363 -4.54 25.16 3.69
CA SER B 363 -4.08 25.98 4.81
C SER B 363 -2.56 25.91 4.90
N ASP B 364 -1.94 26.95 5.45
CA ASP B 364 -0.49 26.97 5.62
C ASP B 364 -0.04 25.83 6.52
N LYS B 365 -0.82 25.55 7.56
CA LYS B 365 -0.52 24.48 8.50
C LYS B 365 -0.41 23.12 7.81
N ASN B 366 -1.41 22.76 7.01
CA ASN B 366 -1.40 21.46 6.33
C ASN B 366 -0.40 21.41 5.20
N MET B 367 -0.18 22.54 4.55
CA MET B 367 0.89 22.67 3.54
C MET B 367 2.25 22.33 4.16
N ILE B 368 2.53 22.96 5.30
CA ILE B 368 3.79 22.75 5.99
C ILE B 368 3.89 21.30 6.50
N ALA B 369 2.80 20.76 7.02
CA ALA B 369 2.80 19.37 7.50
C ALA B 369 3.20 18.40 6.37
N ARG B 370 2.63 18.58 5.18
CA ARG B 370 2.97 17.70 4.05
C ARG B 370 4.38 17.93 3.52
N LEU B 371 4.80 19.18 3.46
CA LEU B 371 6.14 19.52 3.02
C LEU B 371 7.20 18.92 3.97
N ASN B 372 7.00 19.11 5.28
CA ASN B 372 7.92 18.55 6.27
C ASN B 372 7.84 17.03 6.38
N GLY B 373 6.62 16.51 6.37
CA GLY B 373 6.38 15.09 6.64
C GLY B 373 6.69 14.18 5.46
N GLU B 374 6.23 14.55 4.28
CA GLU B 374 6.38 13.72 3.10
C GLU B 374 7.57 14.11 2.25
N LEU B 375 7.67 15.38 1.88
CA LEU B 375 8.71 15.81 0.93
C LEU B 375 10.09 15.86 1.59
N ALA B 376 10.17 16.43 2.78
CA ALA B 376 11.43 16.55 3.50
C ALA B 376 11.78 15.25 4.20
N ASP B 377 10.92 14.80 5.11
CA ASP B 377 11.22 13.63 5.97
C ASP B 377 11.21 12.29 5.26
N THR B 378 10.33 12.08 4.28
CA THR B 378 10.27 10.78 3.63
C THR B 378 11.14 10.75 2.37
N LEU B 379 10.93 11.69 1.45
CA LEU B 379 11.67 11.68 0.18
C LEU B 379 13.06 12.29 0.33
N GLY B 380 13.12 13.51 0.84
CA GLY B 380 14.38 14.25 0.99
C GLY B 380 15.44 13.51 1.79
N ASN B 381 15.05 13.09 3.00
CA ASN B 381 15.94 12.39 3.92
C ASN B 381 16.55 11.14 3.28
N LEU B 382 15.73 10.42 2.51
CA LEU B 382 16.14 9.20 1.86
C LEU B 382 17.13 9.48 0.73
N VAL B 383 16.84 10.50 -0.07
CA VAL B 383 17.75 10.94 -1.14
C VAL B 383 19.12 11.31 -0.56
N MET B 384 19.10 12.02 0.57
CA MET B 384 20.34 12.44 1.22
C MET B 384 21.11 11.26 1.76
N ARG B 385 20.41 10.31 2.40
CA ARG B 385 21.04 9.12 2.98
C ARG B 385 21.81 8.28 1.95
N CYS B 386 21.20 7.99 0.80
CA CYS B 386 21.82 7.10 -0.18
C CYS B 386 22.93 7.78 -1.00
N THR B 387 22.99 9.11 -0.95
CA THR B 387 24.03 9.86 -1.64
C THR B 387 25.08 10.46 -0.71
N SER B 388 24.98 10.23 0.60
CA SER B 388 25.93 10.83 1.54
C SER B 388 27.30 10.14 1.49
N ALA B 389 28.35 10.95 1.66
CA ALA B 389 29.71 10.44 1.67
C ALA B 389 29.97 9.45 2.80
N LYS B 390 29.26 9.63 3.92
CA LYS B 390 29.43 8.75 5.09
C LYS B 390 28.87 7.35 4.88
N ILE B 391 27.92 7.21 3.95
CA ILE B 391 27.28 5.93 3.69
C ILE B 391 27.70 5.37 2.33
N ASN B 392 27.61 6.20 1.28
CA ASN B 392 28.09 5.84 -0.05
C ASN B 392 29.50 6.41 -0.19
N VAL B 393 30.49 5.63 0.25
CA VAL B 393 31.85 6.16 0.39
C VAL B 393 32.57 6.40 -0.93
N ASN B 394 32.31 5.58 -1.95
CA ASN B 394 32.92 5.80 -3.28
C ASN B 394 32.10 6.67 -4.23
N GLY B 395 30.97 7.21 -3.76
CA GLY B 395 30.13 8.06 -4.60
C GLY B 395 29.71 7.42 -5.91
N GLU B 396 29.16 6.21 -5.84
CA GLU B 396 28.69 5.54 -7.05
C GLU B 396 27.61 4.52 -6.76
N TRP B 397 27.05 3.95 -7.82
CA TRP B 397 26.10 2.86 -7.71
C TRP B 397 26.85 1.56 -7.53
N PRO B 398 26.72 0.93 -6.36
CA PRO B 398 27.51 -0.27 -6.17
C PRO B 398 26.88 -1.49 -6.81
N SER B 399 27.70 -2.51 -6.97
CA SER B 399 27.26 -3.75 -7.57
C SER B 399 26.74 -4.64 -6.45
N PRO B 400 25.47 -5.08 -6.54
CA PRO B 400 24.89 -5.80 -5.41
C PRO B 400 25.44 -7.21 -5.24
N ALA B 401 25.52 -7.68 -3.99
CA ALA B 401 25.84 -9.08 -3.69
C ALA B 401 24.52 -9.86 -3.60
N ALA B 402 24.50 -11.00 -2.94
CA ALA B 402 23.31 -11.87 -2.91
C ALA B 402 22.13 -11.22 -2.18
N TYR B 403 20.93 -11.38 -2.73
CA TYR B 403 19.73 -10.78 -2.13
C TYR B 403 19.13 -11.68 -1.08
N THR B 404 18.85 -11.13 0.09
CA THR B 404 18.07 -11.83 1.10
C THR B 404 16.58 -11.79 0.78
N GLU B 405 15.80 -12.51 1.55
CA GLU B 405 14.37 -12.50 1.39
C GLU B 405 13.81 -11.10 1.63
N GLU B 406 14.32 -10.43 2.67
CA GLU B 406 13.91 -9.07 2.94
C GLU B 406 14.23 -8.14 1.77
N ASP B 407 15.42 -8.29 1.19
CA ASP B 407 15.78 -7.56 -0.03
C ASP B 407 14.77 -7.81 -1.16
N GLU B 408 14.43 -9.07 -1.38
CA GLU B 408 13.45 -9.43 -2.41
C GLU B 408 12.08 -8.82 -2.17
N SER B 409 11.64 -8.72 -0.91
CA SER B 409 10.33 -8.11 -0.63
C SER B 409 10.32 -6.66 -1.07
N LEU B 410 11.40 -5.92 -0.77
CA LEU B 410 11.47 -4.52 -1.20
C LEU B 410 11.60 -4.38 -2.72
N ILE B 411 12.43 -5.21 -3.32
CA ILE B 411 12.59 -5.21 -4.76
C ILE B 411 11.26 -5.47 -5.47
N GLN B 412 10.44 -6.36 -4.92
CA GLN B 412 9.15 -6.67 -5.54
C GLN B 412 8.26 -5.44 -5.55
N LEU B 413 8.27 -4.70 -4.44
CA LEU B 413 7.48 -3.48 -4.33
C LEU B 413 7.89 -2.50 -5.41
N ILE B 414 9.19 -2.37 -5.62
CA ILE B 414 9.71 -1.42 -6.60
C ILE B 414 9.35 -1.88 -8.02
N LYS B 415 9.40 -3.19 -8.27
CA LYS B 415 9.00 -3.73 -9.57
C LYS B 415 7.53 -3.55 -9.88
N ASP B 416 6.69 -3.66 -8.85
CA ASP B 416 5.25 -3.56 -9.01
C ASP B 416 4.79 -2.12 -9.21
N LEU B 417 5.56 -1.15 -8.74
CA LEU B 417 5.09 0.23 -8.64
C LEU B 417 4.72 0.87 -9.99
N PRO B 418 5.57 0.71 -11.01
CA PRO B 418 5.22 1.35 -12.29
C PRO B 418 3.85 0.95 -12.81
N GLY B 419 3.58 -0.35 -12.80
CA GLY B 419 2.29 -0.87 -13.21
C GLY B 419 1.14 -0.32 -12.39
N THR B 420 1.33 -0.21 -11.07
CA THR B 420 0.29 0.36 -10.18
C THR B 420 0.08 1.83 -10.46
N ALA B 421 1.16 2.58 -10.53
CA ALA B 421 1.08 4.01 -10.80
C ALA B 421 0.48 4.28 -12.16
N ASP B 422 0.86 3.49 -13.16
CA ASP B 422 0.32 3.65 -14.51
C ASP B 422 -1.20 3.55 -14.50
N HIS B 423 -1.76 2.51 -13.86
CA HIS B 423 -3.22 2.38 -13.76
C HIS B 423 -3.86 3.61 -13.14
N TYR B 424 -3.28 4.11 -12.05
CA TYR B 424 -3.85 5.29 -11.41
C TYR B 424 -3.77 6.55 -12.26
N TYR B 425 -2.64 6.78 -12.90
CA TYR B 425 -2.49 7.92 -13.80
C TYR B 425 -3.51 7.87 -14.95
N LEU B 426 -3.83 6.67 -15.41
CA LEU B 426 -4.78 6.52 -16.53
C LEU B 426 -6.25 6.65 -16.19
N ILE B 427 -6.62 6.53 -14.91
CA ILE B 427 -8.04 6.61 -14.55
C ILE B 427 -8.71 7.93 -14.99
N PRO B 428 -8.12 9.10 -14.69
CA PRO B 428 -6.93 9.43 -13.88
C PRO B 428 -7.27 9.66 -12.42
N ASP B 429 -6.37 9.24 -11.54
CA ASP B 429 -6.48 9.50 -10.10
C ASP B 429 -5.07 9.78 -9.62
N ILE B 430 -4.68 11.05 -9.68
CA ILE B 430 -3.31 11.46 -9.41
C ILE B 430 -2.99 11.33 -7.92
N GLN B 431 -3.98 11.57 -7.08
CA GLN B 431 -3.78 11.44 -5.64
C GLN B 431 -3.37 10.01 -5.30
N LYS B 432 -4.07 9.03 -5.85
CA LYS B 432 -3.71 7.63 -5.63
C LYS B 432 -2.35 7.24 -6.23
N ALA B 433 -2.00 7.81 -7.38
CA ALA B 433 -0.67 7.58 -7.96
C ALA B 433 0.42 8.03 -7.00
N ILE B 434 0.22 9.21 -6.43
CA ILE B 434 1.20 9.78 -5.50
C ILE B 434 1.29 8.92 -4.24
N ILE B 435 0.14 8.54 -3.70
CA ILE B 435 0.13 7.72 -2.50
C ILE B 435 0.84 6.39 -2.76
N ALA B 436 0.60 5.77 -3.90
CA ALA B 436 1.27 4.51 -4.23
C ALA B 436 2.78 4.67 -4.27
N VAL B 437 3.28 5.76 -4.82
CA VAL B 437 4.72 5.98 -4.86
C VAL B 437 5.24 6.18 -3.44
N PHE B 438 4.51 6.94 -2.65
CA PHE B 438 4.93 7.19 -1.27
C PHE B 438 4.85 5.98 -0.37
N ASP B 439 3.93 5.05 -0.64
CA ASP B 439 3.92 3.77 0.06
C ASP B 439 5.28 3.07 -0.16
N VAL B 440 5.80 3.13 -1.38
CA VAL B 440 7.09 2.51 -1.67
C VAL B 440 8.25 3.28 -1.01
N LEU B 441 8.21 4.60 -1.03
CA LEU B 441 9.21 5.41 -0.33
C LEU B 441 9.25 5.10 1.17
N ARG B 442 8.09 4.99 1.80
CA ARG B 442 8.05 4.59 3.20
C ARG B 442 8.66 3.19 3.40
N ALA B 443 8.41 2.27 2.47
CA ALA B 443 9.00 0.93 2.61
C ALA B 443 10.52 0.95 2.41
N ILE B 444 11.01 1.78 1.50
CA ILE B 444 12.47 1.92 1.34
C ILE B 444 13.07 2.50 2.61
N ASN B 445 12.42 3.51 3.18
CA ASN B 445 12.89 4.08 4.44
C ASN B 445 12.94 3.10 5.59
N ALA B 446 11.88 2.30 5.74
CA ALA B 446 11.82 1.27 6.76
C ALA B 446 12.98 0.26 6.59
N TYR B 447 13.26 -0.10 5.34
CA TYR B 447 14.35 -1.04 5.01
C TYR B 447 15.71 -0.44 5.36
N VAL B 448 15.92 0.82 4.99
CA VAL B 448 17.16 1.51 5.36
C VAL B 448 17.36 1.52 6.87
N THR B 449 16.32 1.91 7.62
CA THR B 449 16.39 1.93 9.09
C THR B 449 16.65 0.53 9.64
N ASP B 450 16.02 -0.47 9.04
CA ASP B 450 16.22 -1.84 9.42
C ASP B 450 17.68 -2.28 9.20
N MET B 451 18.25 -1.90 8.05
CA MET B 451 19.59 -2.35 7.67
C MET B 451 20.73 -1.53 8.28
N ALA B 452 20.45 -0.28 8.70
CA ALA B 452 21.45 0.59 9.32
C ALA B 452 22.78 0.60 8.53
N PRO B 453 22.72 1.04 7.26
CA PRO B 453 23.89 0.96 6.38
C PRO B 453 25.07 1.80 6.87
N TRP B 454 24.81 2.77 7.73
CA TRP B 454 25.86 3.57 8.34
C TRP B 454 26.82 2.73 9.20
N LYS B 455 26.30 1.71 9.89
CA LYS B 455 27.13 0.76 10.63
C LYS B 455 27.81 -0.22 9.68
N LEU B 456 27.11 -0.61 8.61
CA LEU B 456 27.65 -1.59 7.66
C LEU B 456 28.93 -1.13 6.99
N VAL B 457 29.11 0.19 6.83
CA VAL B 457 30.33 0.71 6.22
C VAL B 457 31.57 0.15 6.94
N LYS B 458 31.48 0.03 8.28
CA LYS B 458 32.52 -0.60 9.07
C LYS B 458 32.40 -2.12 9.14
N THR B 459 31.21 -2.62 9.48
CA THR B 459 31.05 -4.05 9.80
C THR B 459 30.94 -5.00 8.61
N ASP B 460 30.38 -4.55 7.49
CA ASP B 460 30.15 -5.44 6.35
C ASP B 460 29.99 -4.68 5.02
N PRO B 461 31.13 -4.25 4.44
CA PRO B 461 31.07 -3.52 3.17
C PRO B 461 30.32 -4.28 2.06
N GLU B 462 30.41 -5.60 2.04
CA GLU B 462 29.76 -6.38 0.97
C GLU B 462 28.24 -6.28 1.08
N ARG B 463 27.71 -6.42 2.30
CA ARG B 463 26.28 -6.29 2.53
C ARG B 463 25.79 -4.87 2.19
N LEU B 464 26.61 -3.88 2.51
CA LEU B 464 26.29 -2.50 2.20
C LEU B 464 26.03 -2.27 0.72
N ARG B 465 26.84 -2.89 -0.13
CA ARG B 465 26.69 -2.79 -1.58
C ARG B 465 25.27 -3.17 -2.00
N THR B 466 24.77 -4.25 -1.44
CA THR B 466 23.43 -4.71 -1.75
C THR B 466 22.36 -3.71 -1.25
N VAL B 467 22.50 -3.29 -0.02
CA VAL B 467 21.53 -2.38 0.60
C VAL B 467 21.47 -1.04 -0.15
N LEU B 468 22.65 -0.50 -0.43
CA LEU B 468 22.75 0.76 -1.15
C LEU B 468 22.23 0.67 -2.57
N TYR B 469 22.58 -0.40 -3.27
CA TYR B 469 22.12 -0.57 -4.64
C TYR B 469 20.60 -0.58 -4.70
N ILE B 470 19.96 -1.34 -3.83
CA ILE B 470 18.50 -1.42 -3.79
C ILE B 470 17.89 -0.06 -3.46
N THR B 471 18.50 0.65 -2.52
CA THR B 471 17.97 1.93 -2.07
C THR B 471 18.01 2.94 -3.22
N LEU B 472 19.18 3.01 -3.86
CA LEU B 472 19.37 3.91 -4.98
C LEU B 472 18.35 3.65 -6.08
N GLU B 473 18.15 2.38 -6.43
CA GLU B 473 17.26 2.05 -7.52
C GLU B 473 15.80 2.34 -7.14
N GLY B 474 15.44 2.11 -5.87
CA GLY B 474 14.14 2.48 -5.38
C GLY B 474 13.90 3.97 -5.45
N VAL B 475 14.91 4.75 -5.07
CA VAL B 475 14.79 6.19 -5.15
C VAL B 475 14.63 6.64 -6.61
N ARG B 476 15.37 6.01 -7.53
CA ARG B 476 15.29 6.37 -8.94
C ARG B 476 13.90 6.11 -9.52
N VAL B 477 13.37 4.91 -9.28
CA VAL B 477 12.09 4.51 -9.84
C VAL B 477 10.94 5.35 -9.27
N THR B 478 10.95 5.58 -7.98
CA THR B 478 9.92 6.41 -7.36
C THR B 478 10.01 7.85 -7.88
N THR B 479 11.23 8.36 -8.00
CA THR B 479 11.43 9.73 -8.47
C THR B 479 10.93 9.87 -9.91
N LEU B 480 11.22 8.86 -10.72
CA LEU B 480 10.75 8.83 -12.10
C LEU B 480 9.23 8.95 -12.16
N LEU B 481 8.53 8.15 -11.35
CA LEU B 481 7.07 8.16 -11.38
C LEU B 481 6.48 9.42 -10.73
N LEU B 482 7.28 10.12 -9.92
CA LEU B 482 6.88 11.41 -9.36
C LEU B 482 7.29 12.60 -10.23
N SER B 483 8.08 12.38 -11.27
CA SER B 483 8.56 13.52 -12.07
C SER B 483 7.43 14.37 -12.69
N PRO B 484 6.27 13.77 -13.03
CA PRO B 484 5.15 14.63 -13.46
C PRO B 484 4.62 15.57 -12.36
N ILE B 485 4.82 15.18 -11.11
CA ILE B 485 4.33 15.93 -9.95
C ILE B 485 5.37 16.95 -9.50
N LEU B 486 6.64 16.55 -9.51
CA LEU B 486 7.76 17.39 -9.08
C LEU B 486 8.76 17.54 -10.23
N PRO B 487 8.36 18.21 -11.30
CA PRO B 487 9.23 18.25 -12.46
C PRO B 487 10.63 18.85 -12.21
N ARG B 488 10.73 19.85 -11.35
CA ARG B 488 12.04 20.47 -11.09
C ARG B 488 12.86 19.71 -10.07
N LYS B 489 12.23 19.31 -8.96
CA LYS B 489 12.95 18.60 -7.91
C LYS B 489 13.39 17.22 -8.37
N SER B 490 12.66 16.61 -9.29
CA SER B 490 13.06 15.31 -9.83
C SER B 490 14.38 15.40 -10.61
N VAL B 491 14.59 16.52 -11.30
CA VAL B 491 15.84 16.74 -12.00
C VAL B 491 16.97 16.87 -10.97
N VAL B 492 16.70 17.57 -9.87
CA VAL B 492 17.71 17.74 -8.82
C VAL B 492 18.10 16.36 -8.25
N ILE B 493 17.11 15.53 -7.97
CA ILE B 493 17.34 14.20 -7.45
C ILE B 493 18.14 13.37 -8.43
N PHE B 494 17.72 13.36 -9.69
CA PHE B 494 18.42 12.57 -10.69
C PHE B 494 19.86 13.08 -10.83
N ASP B 495 20.06 14.39 -10.82
CA ASP B 495 21.42 14.94 -10.79
C ASP B 495 22.22 14.41 -9.60
N MET B 496 21.65 14.40 -8.39
CA MET B 496 22.37 13.92 -7.19
C MET B 496 22.75 12.44 -7.36
N LEU B 497 21.80 11.65 -7.87
CA LEU B 497 22.01 10.23 -8.11
C LEU B 497 22.94 9.95 -9.28
N GLY B 498 23.16 10.95 -10.12
CA GLY B 498 23.98 10.78 -11.32
C GLY B 498 23.31 9.91 -12.38
N VAL B 499 21.98 9.93 -12.42
CA VAL B 499 21.23 9.17 -13.42
C VAL B 499 21.42 9.86 -14.78
N PRO B 500 21.97 9.13 -15.77
CA PRO B 500 22.12 9.73 -17.10
C PRO B 500 20.79 10.16 -17.70
N GLU B 501 20.83 11.24 -18.48
CA GLU B 501 19.64 11.78 -19.15
C GLU B 501 18.76 10.71 -19.78
N VAL B 502 19.39 9.85 -20.56
CA VAL B 502 18.69 8.82 -21.32
C VAL B 502 17.84 7.91 -20.42
N HIS B 503 18.23 7.75 -19.16
CA HIS B 503 17.47 6.93 -18.22
C HIS B 503 16.40 7.69 -17.43
N ARG B 504 16.19 8.96 -17.72
CA ARG B 504 15.23 9.80 -16.97
C ARG B 504 13.85 9.85 -17.60
N LYS B 505 13.66 9.08 -18.66
CA LYS B 505 12.44 9.13 -19.45
C LYS B 505 12.30 7.78 -20.16
N GLY B 506 11.06 7.38 -20.45
CA GLY B 506 10.78 6.19 -21.26
C GLY B 506 10.35 4.99 -20.44
N ILE B 507 9.29 4.33 -20.91
CA ILE B 507 8.70 3.21 -20.21
C ILE B 507 9.73 2.12 -19.90
N GLU B 508 10.68 1.91 -20.81
CA GLU B 508 11.74 0.95 -20.58
C GLU B 508 12.55 1.25 -19.29
N ASN B 509 12.61 2.51 -18.90
CA ASN B 509 13.32 2.90 -17.69
C ASN B 509 12.51 2.83 -16.38
N PHE B 510 11.24 2.46 -16.48
CA PHE B 510 10.44 2.16 -15.31
C PHE B 510 10.93 0.89 -14.60
N GLU B 511 11.57 0.00 -15.37
CA GLU B 511 12.04 -1.28 -14.85
C GLU B 511 13.18 -1.17 -13.84
N PHE B 512 13.06 -1.95 -12.77
CA PHE B 512 14.15 -2.19 -11.82
C PHE B 512 15.40 -2.62 -12.56
N GLY B 513 16.52 -1.95 -12.31
CA GLY B 513 17.82 -2.34 -12.85
C GLY B 513 18.29 -1.58 -14.07
N ALA B 514 17.63 -0.48 -14.42
CA ALA B 514 17.96 0.21 -15.66
C ALA B 514 19.26 1.02 -15.61
N VAL B 515 19.78 1.28 -14.40
CA VAL B 515 21.03 2.03 -14.24
C VAL B 515 22.10 1.10 -13.71
N PRO B 516 23.21 0.92 -14.45
CA PRO B 516 24.19 -0.09 -14.07
C PRO B 516 25.09 0.30 -12.91
N PRO B 517 25.49 -0.68 -12.10
CA PRO B 517 26.56 -0.49 -11.14
C PRO B 517 27.76 0.19 -11.78
N GLY B 518 28.44 1.06 -11.03
CA GLY B 518 29.56 1.84 -11.56
C GLY B 518 29.16 3.27 -11.89
N THR B 519 27.89 3.51 -12.16
CA THR B 519 27.41 4.87 -12.38
C THR B 519 27.87 5.76 -11.22
N ARG B 520 28.56 6.85 -11.53
CA ARG B 520 29.03 7.78 -10.51
C ARG B 520 27.91 8.72 -10.11
N LEU B 521 27.81 9.04 -8.82
CA LEU B 521 26.87 10.03 -8.32
C LEU B 521 27.21 11.41 -8.85
N GLY B 522 26.25 12.33 -8.82
CA GLY B 522 26.52 13.74 -9.12
C GLY B 522 27.40 14.37 -8.06
N PRO B 523 27.93 15.57 -8.33
CA PRO B 523 28.82 16.21 -7.37
C PRO B 523 28.06 16.64 -6.13
N ALA B 524 28.72 16.57 -4.98
CA ALA B 524 28.11 17.01 -3.72
C ALA B 524 28.45 18.48 -3.51
N VAL B 525 27.44 19.32 -3.26
CA VAL B 525 27.68 20.74 -2.94
C VAL B 525 27.32 21.02 -1.48
N GLU B 526 28.23 21.71 -0.79
CA GLU B 526 28.14 21.94 0.66
C GLU B 526 26.77 22.46 1.11
N GLY B 527 26.14 21.71 2.00
CA GLY B 527 24.91 22.15 2.66
C GLY B 527 23.68 22.29 1.77
N GLU B 528 23.68 21.67 0.60
CA GLU B 528 22.51 21.69 -0.28
C GLU B 528 21.41 20.81 0.31
N VAL B 529 20.17 21.29 0.23
CA VAL B 529 19.02 20.51 0.69
C VAL B 529 18.01 20.40 -0.43
N LEU B 530 17.26 19.31 -0.45
CA LEU B 530 16.28 19.08 -1.50
C LEU B 530 15.00 19.83 -1.14
N PHE B 531 14.49 19.57 0.06
CA PHE B 531 13.33 20.29 0.58
C PHE B 531 13.68 20.79 1.96
N SER B 532 13.56 22.09 2.15
CA SER B 532 13.90 22.72 3.40
C SER B 532 12.69 22.71 4.31
N LYS B 533 12.87 22.26 5.55
CA LYS B 533 11.77 22.20 6.50
C LYS B 533 11.43 23.61 6.97
N ARG B 534 10.17 23.82 7.33
CA ARG B 534 9.73 25.14 7.75
C ARG B 534 9.09 25.08 9.12
N SER B 535 9.21 26.18 9.87
CA SER B 535 8.89 26.16 11.30
C SER B 535 7.41 25.96 11.58
N THR B 536 7.13 25.48 12.79
CA THR B 536 5.80 25.05 13.17
C THR B 536 5.47 25.53 14.59
C1 GOL C . 0.76 0.04 12.73
O1 GOL C . 0.94 -1.09 13.59
C2 GOL C . -0.29 0.99 13.30
O2 GOL C . -0.69 0.57 14.60
C3 GOL C . -1.56 1.07 12.44
O3 GOL C . -2.50 0.13 12.99
C1 GOL D . 14.75 -38.75 33.47
O1 GOL D . 14.46 -38.44 32.11
C2 GOL D . 16.23 -38.51 33.79
O2 GOL D . 17.10 -39.10 32.79
C3 GOL D . 16.56 -39.10 35.15
O3 GOL D . 17.89 -38.74 35.52
S DMS E . 23.40 -12.15 22.27
O DMS E . 22.01 -12.65 22.39
C1 DMS E . 24.21 -12.35 23.76
C2 DMS E . 24.28 -13.24 21.31
N MET F . 13.31 -24.46 27.72
CA MET F . 13.90 -23.21 27.20
C MET F . 13.01 -22.07 27.63
O MET F . 11.84 -22.24 27.99
CB MET F . 13.97 -23.21 25.66
CG MET F . 14.66 -24.39 25.00
SD MET F . 14.61 -24.30 23.19
CE MET F . 15.74 -25.65 22.80
OXT MET F . 13.47 -20.94 27.59
C1 GOL G . -14.38 18.05 -38.12
O1 GOL G . -13.07 18.63 -38.19
C2 GOL G . -15.39 18.69 -39.10
O2 GOL G . -16.04 19.80 -38.48
C3 GOL G . -16.44 17.66 -39.53
O3 GOL G . -17.69 18.32 -39.81
C1 GOL H . -3.12 12.28 4.74
O1 GOL H . -1.82 11.80 5.11
C2 GOL H . -4.17 11.20 4.77
O2 GOL H . -3.78 10.13 3.89
C3 GOL H . -5.44 11.78 4.23
O3 GOL H . -5.29 11.96 2.82
C1 GOL I . 10.66 17.07 -15.77
O1 GOL I . 11.25 16.54 -14.58
C2 GOL I . 10.07 15.91 -16.55
O2 GOL I . 10.21 16.18 -17.94
C3 GOL I . 8.60 15.72 -16.19
O3 GOL I . 7.81 16.55 -17.02
C1 GOL J . -16.06 39.39 -32.62
O1 GOL J . -17.00 40.15 -33.40
C2 GOL J . -14.67 39.66 -33.14
O2 GOL J . -14.61 39.20 -34.50
C3 GOL J . -13.63 38.95 -32.26
O3 GOL J . -13.53 37.55 -32.55
C1 GOL K . 12.82 24.63 -19.40
O1 GOL K . 13.30 23.30 -19.20
C2 GOL K . 13.99 25.61 -19.29
O2 GOL K . 14.36 25.71 -17.90
C3 GOL K . 15.19 25.12 -20.10
O3 GOL K . 14.77 24.26 -21.15
C1 GOL L . 0.65 -3.11 -32.40
O1 GOL L . 0.67 -2.39 -33.64
C2 GOL L . 0.13 -2.25 -31.26
O2 GOL L . -0.72 -1.21 -31.76
C3 GOL L . -0.66 -3.08 -30.24
O3 GOL L . -0.01 -4.29 -29.81
S DMS M . -23.00 30.53 -19.46
O DMS M . -24.36 30.11 -19.88
C1 DMS M . -23.11 31.45 -18.03
C2 DMS M . -22.12 29.17 -18.93
CAJ 392 N . -18.10 26.71 -20.70
CAT 392 N . -18.09 25.94 -21.84
CLC 392 N . -19.58 25.65 -22.68
CAI 392 N . -16.93 25.35 -22.34
CAU 392 N . -15.77 25.54 -21.61
CLD 392 N . -14.29 24.74 -22.16
CAK 392 N . -15.74 26.31 -20.46
CAW 392 N . -16.92 26.89 -19.99
CAO 392 N . -16.95 27.69 -18.71
NAP 392 N . -16.81 29.14 -18.87
CAM 392 N . -18.03 29.81 -19.33
CAL 392 N . -17.93 31.32 -19.26
CAN 392 N . -18.95 32.09 -20.09
NAQ 392 N . -18.52 32.34 -21.47
CAS 392 N . -19.37 32.79 -22.41
OAA 392 N . -20.54 33.07 -22.16
NAR 392 N . -18.81 32.93 -23.66
CAX 392 N . -19.46 33.31 -24.87
CAH 392 N . -19.05 32.68 -26.05
CAF 392 N . -19.67 33.00 -27.25
CAE 392 N . -20.70 33.91 -27.28
CAG 392 N . -21.12 34.54 -26.12
CAV 392 N . -20.49 34.25 -24.92
OAB 392 N . -20.99 34.77 -23.75
#